data_2XN9
#
_entry.id   2XN9
#
_cell.length_a   191.180
_cell.length_b   48.890
_cell.length_c   166.720
_cell.angle_alpha   90.00
_cell.angle_beta   113.55
_cell.angle_gamma   90.00
#
_symmetry.space_group_name_H-M   'C 1 2 1'
#
loop_
_entity.id
_entity.type
_entity.pdbx_description
1 polymer 'T CELL RECEPTOR ALPHA CHAIN C REGION'
2 polymer 'T CELL RECEPTOR BETA-1 CHAIN C REGION'
3 polymer 'ENTEROTOXIN H'
4 polymer 'HLA CLASS II HISTOCOMPATIBILITY ANTIGEN, DR ALPHA CHAIN,'
5 polymer 'MAJOR HISTOCOMPATIBILITY COMPLEX CLASS II BETA CHAIN'
6 polymer HEMAGGLUTININ
7 non-polymer GLYCEROL
8 non-polymer 'SODIUM ION'
9 water water
#
loop_
_entity_poly.entity_id
_entity_poly.type
_entity_poly.pdbx_seq_one_letter_code
_entity_poly.pdbx_strand_id
1 'polypeptide(L)'
;MQLLEQSPQFLSIQEGENLTVYCNSSSVFSSLQWYRQEPGEGPVLLVTVVTGGEVKKLKRLTFQFGDARKDSSLHITAAQ
PGDTGLYLCAGAGSQGNLIFGKGTKLSVKPNIQNPDPAVYQLRDSKSSDKSVCLFTDFDSQTNVSQSKDSDVYITDKCVL
DMRSMDFKSNSAVAWSNKSDFACANAFNNSIIPEDTFFPSPESS
;
A
2 'polypeptide(L)'
;MVDGGITQSPKYLFRKEGQNVTLSCEQNLNHDAMYWYRQDPGQGLRLIYYSQIVNDFQKGDIAEGYSVSREKKESFPLTV
TSAQKNPTAFYLCASSSRSSYEQYFGPGTRLTVTEDLKNVFPPEVAVFEPSEAEISHTQKATLVCLATGFYPDHVELSWW
VNGKEVHSGVCTDPQPLKEQPALNDSRYSLSSRLRVSATFWQNPRNHFRCQVQFYGLSENDEWTQDRAKPVTQIVSAEAW
GRAD
;
B
3 'polypeptide(L)'
;EDLHDKSELTDLALANAYGQYNHPFIKENIKSDEISGEKDLIFRNQGDSGNDLRVKFATADLAQKFKNKNVDIYGASFYY
KCEKISENISECLYGGTTLNSEKLAQERVIGANVWVDGIQKETELIRTNKKNVTLQELDIKIRKILSDKYKIYYKDSEIS
KGLIEFDMKTPRDYSFDIYDLKGENDYEIDKIYEDNKTLKSDDISHIDVNLYTKKKV
;
C
4 'polypeptide(L)'
;IKEEHVIIQAEFYLNPDQSGEFMFDFDGDEIFHVDMAKKETVWRLEEFGRFASFEAQGALANIAVDKANLEIMTKRSNYT
PITNVPPEVTVLTNSPVELREPNVLICFIDKFTPPVVNVTWLRNGKPVTTGVSETVFLPREDHLFRKFHYLPFLPSTEDV
YDCRVEHWGLDEPLLKHWEFDA
;
D
5 'polypeptide(L)'
;GDTRPRFLWQLKFECHFFNGTERVRLLERCIYNQEESVRFDSDVGEYRAVTELGRPDAEYWNSQKDLLEQRRAAVDTYCR
HNYGVGESFTVQRRVEPKVTVYPSKTQPLQHHNLLVCSVSGFYPGSIEVRWFRNGQEEKAGVVSTGLIQNGDWTFQTLVM
LETVPRSGEVYTCQVEHPSVTSPLTVEWRA
;
E
6 'polypeptide(L)' PKYVKQNTLKLAT F
#
loop_
_chem_comp.id
_chem_comp.type
_chem_comp.name
_chem_comp.formula
GOL non-polymer GLYCEROL 'C3 H8 O3'
NA non-polymer 'SODIUM ION' 'Na 1'
#
# COMPACT_ATOMS: atom_id res chain seq x y z
N GLN A 2 -5.62 -17.61 -14.62
CA GLN A 2 -6.93 -17.01 -14.22
C GLN A 2 -7.78 -16.79 -15.46
N LEU A 3 -8.89 -17.50 -15.55
CA LEU A 3 -9.75 -17.40 -16.73
C LEU A 3 -11.17 -16.95 -16.37
N LEU A 4 -11.63 -15.88 -17.01
CA LEU A 4 -13.02 -15.43 -16.87
C LEU A 4 -13.84 -15.86 -18.08
N GLU A 5 -14.99 -16.46 -17.85
CA GLU A 5 -15.89 -16.76 -18.96
C GLU A 5 -17.18 -15.96 -18.87
N GLN A 6 -17.54 -15.32 -19.96
CA GLN A 6 -18.77 -14.54 -20.03
C GLN A 6 -19.82 -15.27 -20.83
N SER A 7 -21.05 -15.18 -20.36
CA SER A 7 -22.16 -15.93 -20.93
C SER A 7 -23.37 -14.96 -20.99
N PRO A 8 -24.10 -14.88 -22.14
CA PRO A 8 -23.91 -15.48 -23.47
C PRO A 8 -22.95 -14.65 -24.26
N GLN A 9 -22.52 -15.12 -25.44
CA GLN A 9 -21.60 -14.34 -26.28
C GLN A 9 -22.32 -13.20 -26.96
N PHE A 10 -23.56 -13.47 -27.39
N PHE A 10 -23.57 -13.45 -27.36
CA PHE A 10 -24.41 -12.50 -28.08
CA PHE A 10 -24.39 -12.43 -27.98
C PHE A 10 -25.79 -12.56 -27.45
C PHE A 10 -25.81 -12.56 -27.50
N LEU A 11 -26.50 -11.42 -27.44
CA LEU A 11 -27.89 -11.39 -27.03
C LEU A 11 -28.68 -10.32 -27.83
N SER A 12 -29.79 -10.75 -28.41
CA SER A 12 -30.66 -9.88 -29.19
C SER A 12 -31.98 -9.84 -28.50
N ILE A 13 -32.46 -8.64 -28.19
CA ILE A 13 -33.63 -8.57 -27.35
C ILE A 13 -34.47 -7.35 -27.67
N GLN A 14 -35.76 -7.47 -27.42
CA GLN A 14 -36.65 -6.40 -27.73
C GLN A 14 -36.69 -5.48 -26.53
N GLU A 15 -36.76 -4.17 -26.84
CA GLU A 15 -36.98 -3.10 -25.86
C GLU A 15 -38.14 -3.40 -24.93
N GLY A 16 -37.95 -3.16 -23.62
CA GLY A 16 -38.98 -3.47 -22.60
C GLY A 16 -38.67 -4.77 -21.83
N GLU A 17 -37.84 -5.64 -22.39
CA GLU A 17 -37.56 -6.89 -21.70
C GLU A 17 -36.45 -6.73 -20.65
N ASN A 18 -36.51 -7.57 -19.61
CA ASN A 18 -35.43 -7.75 -18.66
C ASN A 18 -34.49 -8.86 -19.14
N LEU A 19 -33.20 -8.70 -18.88
CA LEU A 19 -32.20 -9.67 -19.29
C LEU A 19 -31.12 -9.76 -18.19
N THR A 20 -30.37 -10.86 -18.20
CA THR A 20 -29.23 -11.08 -17.32
C THR A 20 -28.06 -11.58 -18.15
N VAL A 21 -26.87 -11.06 -17.87
CA VAL A 21 -25.64 -11.61 -18.42
C VAL A 21 -24.69 -12.05 -17.29
N TYR A 22 -23.72 -12.92 -17.60
CA TYR A 22 -22.93 -13.60 -16.57
C TYR A 22 -21.45 -13.58 -16.84
N CYS A 23 -20.71 -13.55 -15.74
CA CYS A 23 -19.29 -13.61 -15.74
C CYS A 23 -18.92 -14.67 -14.72
N ASN A 24 -18.18 -15.69 -15.17
CA ASN A 24 -17.82 -16.84 -14.33
C ASN A 24 -16.35 -17.16 -14.33
N SER A 25 -15.90 -17.69 -13.19
CA SER A 25 -14.55 -18.18 -13.05
C SER A 25 -14.52 -19.37 -12.11
N SER A 26 -13.43 -20.14 -12.19
CA SER A 26 -13.17 -21.20 -11.19
C SER A 26 -12.33 -20.62 -10.07
N SER A 27 -11.58 -19.56 -10.35
CA SER A 27 -10.78 -18.85 -9.34
C SER A 27 -11.60 -17.83 -8.57
N VAL A 28 -11.14 -17.52 -7.38
CA VAL A 28 -11.77 -16.50 -6.58
C VAL A 28 -11.22 -15.13 -7.05
N PHE A 29 -12.09 -14.14 -7.17
CA PHE A 29 -11.66 -12.76 -7.38
C PHE A 29 -11.89 -11.89 -6.18
N SER A 30 -11.02 -10.93 -6.00
CA SER A 30 -11.14 -10.00 -4.90
C SER A 30 -12.00 -8.82 -5.29
N SER A 31 -11.81 -8.35 -6.51
CA SER A 31 -12.67 -7.33 -7.10
C SER A 31 -13.06 -7.75 -8.51
N LEU A 32 -14.27 -7.40 -8.89
CA LEU A 32 -14.75 -7.71 -10.19
C LEU A 32 -15.44 -6.48 -10.78
N GLN A 33 -15.24 -6.25 -12.07
CA GLN A 33 -15.73 -5.06 -12.71
C GLN A 33 -16.58 -5.32 -13.95
N TRP A 34 -17.51 -4.41 -14.23
CA TRP A 34 -18.19 -4.42 -15.52
C TRP A 34 -17.91 -3.14 -16.29
N TYR A 35 -17.60 -3.25 -17.57
CA TYR A 35 -17.42 -2.14 -18.50
C TYR A 35 -18.40 -2.27 -19.64
N ARG A 36 -18.79 -1.13 -20.20
CA ARG A 36 -19.58 -1.08 -21.43
C ARG A 36 -18.76 -0.43 -22.54
N GLN A 37 -18.83 -0.96 -23.76
CA GLN A 37 -18.06 -0.40 -24.86
C GLN A 37 -18.92 -0.18 -26.11
N GLU A 38 -18.86 1.03 -26.67
CA GLU A 38 -19.42 1.30 -28.01
C GLU A 38 -18.38 0.91 -29.06
N PRO A 39 -18.81 0.56 -30.28
CA PRO A 39 -17.83 0.06 -31.26
C PRO A 39 -16.73 1.10 -31.56
N GLY A 40 -15.49 0.62 -31.60
CA GLY A 40 -14.36 1.47 -31.94
C GLY A 40 -14.17 2.61 -30.97
N GLU A 41 -14.56 2.41 -29.72
CA GLU A 41 -14.31 3.38 -28.65
C GLU A 41 -13.72 2.67 -27.42
N GLY A 42 -13.35 3.45 -26.41
CA GLY A 42 -12.82 2.93 -25.18
C GLY A 42 -13.92 2.44 -24.26
N PRO A 43 -13.75 1.27 -23.65
CA PRO A 43 -14.71 0.85 -22.63
C PRO A 43 -14.79 1.84 -21.46
N VAL A 44 -15.99 1.96 -20.89
CA VAL A 44 -16.25 2.83 -19.77
C VAL A 44 -16.67 1.93 -18.61
N LEU A 45 -16.04 2.16 -17.45
CA LEU A 45 -16.45 1.48 -16.24
C LEU A 45 -17.92 1.73 -15.84
N LEU A 46 -18.63 0.66 -15.55
CA LEU A 46 -19.97 0.75 -14.99
C LEU A 46 -19.96 0.67 -13.44
N VAL A 47 -19.24 -0.29 -12.87
CA VAL A 47 -19.29 -0.59 -11.45
C VAL A 47 -18.09 -1.51 -11.13
N THR A 48 -17.69 -1.50 -9.86
CA THR A 48 -16.71 -2.43 -9.29
C THR A 48 -17.34 -2.99 -8.03
N VAL A 49 -17.31 -4.30 -7.90
CA VAL A 49 -17.80 -5.02 -6.72
C VAL A 49 -16.62 -5.70 -6.06
N VAL A 50 -16.58 -5.71 -4.73
CA VAL A 50 -15.39 -6.13 -3.96
C VAL A 50 -15.67 -7.05 -2.76
N THR A 51 -16.92 -7.39 -2.52
CA THR A 51 -17.30 -8.21 -1.41
C THR A 51 -18.31 -9.24 -1.91
N GLY A 52 -18.18 -10.50 -1.50
CA GLY A 52 -19.12 -11.53 -1.95
C GLY A 52 -20.51 -11.18 -1.51
N GLY A 53 -21.49 -11.44 -2.38
CA GLY A 53 -22.91 -11.14 -2.12
C GLY A 53 -23.28 -9.68 -2.29
N GLU A 54 -22.30 -8.83 -2.62
CA GLU A 54 -22.58 -7.41 -2.89
C GLU A 54 -23.57 -7.27 -4.07
N VAL A 55 -24.68 -6.55 -3.82
CA VAL A 55 -25.61 -6.07 -4.86
C VAL A 55 -25.50 -4.55 -4.95
N LYS A 56 -25.25 -4.06 -6.16
CA LYS A 56 -25.21 -2.64 -6.48
C LYS A 56 -26.26 -2.38 -7.57
N LYS A 57 -26.91 -1.23 -7.47
CA LYS A 57 -28.07 -0.90 -8.28
C LYS A 57 -27.78 0.47 -8.84
N LEU A 58 -27.62 0.56 -10.16
CA LEU A 58 -27.44 1.86 -10.80
C LEU A 58 -28.53 2.09 -11.88
N LYS A 59 -29.60 2.78 -11.48
CA LYS A 59 -30.81 2.92 -12.29
C LYS A 59 -31.38 1.55 -12.72
N ARG A 60 -31.41 1.28 -14.02
CA ARG A 60 -32.03 0.06 -14.52
C ARG A 60 -31.09 -1.16 -14.41
N LEU A 61 -29.82 -0.92 -14.08
CA LEU A 61 -28.84 -2.01 -13.94
C LEU A 61 -28.62 -2.46 -12.51
N THR A 62 -28.55 -3.77 -12.35
CA THR A 62 -28.34 -4.42 -11.07
C THR A 62 -27.15 -5.39 -11.24
N PHE A 63 -26.08 -5.16 -10.47
CA PHE A 63 -24.86 -5.95 -10.48
C PHE A 63 -24.79 -6.73 -9.20
N GLN A 64 -24.41 -8.00 -9.28
CA GLN A 64 -24.26 -8.83 -8.08
C GLN A 64 -22.94 -9.63 -8.10
N PHE A 65 -22.26 -9.67 -6.96
CA PHE A 65 -21.05 -10.50 -6.74
C PHE A 65 -21.48 -11.81 -6.06
N GLY A 66 -21.24 -12.96 -6.71
CA GLY A 66 -21.47 -14.27 -6.12
C GLY A 66 -20.94 -14.33 -4.68
N ASP A 67 -21.68 -15.03 -3.83
CA ASP A 67 -21.36 -15.15 -2.42
C ASP A 67 -19.96 -15.72 -2.20
N ALA A 68 -19.48 -16.56 -3.11
CA ALA A 68 -18.18 -17.21 -2.98
C ALA A 68 -17.17 -16.61 -3.93
N ARG A 69 -17.43 -15.39 -4.39
CA ARG A 69 -16.45 -14.61 -5.15
C ARG A 69 -16.02 -15.18 -6.50
N LYS A 70 -16.84 -16.08 -7.02
CA LYS A 70 -16.51 -16.79 -8.27
C LYS A 70 -17.26 -16.34 -9.54
N ASP A 71 -18.27 -15.50 -9.36
CA ASP A 71 -19.08 -15.07 -10.50
C ASP A 71 -19.76 -13.74 -10.25
N SER A 72 -20.20 -13.12 -11.32
CA SER A 72 -21.01 -11.92 -11.19
C SER A 72 -22.11 -11.93 -12.22
N SER A 73 -23.24 -11.33 -11.87
CA SER A 73 -24.27 -11.07 -12.86
C SER A 73 -24.54 -9.59 -13.10
N LEU A 74 -24.95 -9.28 -14.33
N LEU A 74 -24.93 -9.26 -14.33
CA LEU A 74 -25.45 -7.95 -14.70
CA LEU A 74 -25.46 -7.93 -14.66
C LEU A 74 -26.89 -8.10 -15.19
C LEU A 74 -26.88 -8.09 -15.19
N HIS A 75 -27.82 -7.49 -14.48
CA HIS A 75 -29.24 -7.57 -14.83
C HIS A 75 -29.70 -6.19 -15.33
N ILE A 76 -30.39 -6.19 -16.48
CA ILE A 76 -31.03 -4.99 -16.99
C ILE A 76 -32.55 -5.11 -16.92
N THR A 77 -33.18 -4.15 -16.26
CA THR A 77 -34.62 -4.00 -16.21
C THR A 77 -35.05 -3.10 -17.37
N ALA A 78 -36.14 -3.49 -18.05
CA ALA A 78 -36.77 -2.69 -19.10
C ALA A 78 -35.68 -2.19 -20.02
N ALA A 79 -34.96 -3.11 -20.65
CA ALA A 79 -33.94 -2.78 -21.62
C ALA A 79 -34.37 -1.77 -22.64
N GLN A 80 -33.45 -0.89 -23.02
CA GLN A 80 -33.67 0.17 -23.98
C GLN A 80 -32.59 0.12 -25.07
N PRO A 81 -32.87 0.68 -26.25
CA PRO A 81 -31.91 0.57 -27.36
C PRO A 81 -30.56 1.14 -27.03
N GLY A 82 -30.52 2.26 -26.29
CA GLY A 82 -29.25 2.81 -25.80
C GLY A 82 -28.42 1.87 -24.92
N ASP A 83 -28.99 0.77 -24.42
CA ASP A 83 -28.23 -0.22 -23.63
C ASP A 83 -27.36 -1.11 -24.58
N THR A 84 -27.56 -0.96 -25.90
CA THR A 84 -26.83 -1.70 -26.92
C THR A 84 -25.34 -1.45 -26.80
N GLY A 85 -24.55 -2.53 -26.80
CA GLY A 85 -23.10 -2.43 -26.70
C GLY A 85 -22.43 -3.71 -26.28
N LEU A 86 -21.14 -3.63 -26.06
CA LEU A 86 -20.40 -4.78 -25.56
C LEU A 86 -20.17 -4.62 -24.08
N TYR A 87 -20.59 -5.65 -23.32
CA TYR A 87 -20.42 -5.71 -21.89
C TYR A 87 -19.23 -6.60 -21.50
N LEU A 88 -18.22 -5.95 -20.95
CA LEU A 88 -16.99 -6.64 -20.61
C LEU A 88 -16.90 -6.75 -19.10
N CYS A 89 -16.72 -7.97 -18.64
CA CYS A 89 -16.33 -8.27 -17.26
C CYS A 89 -14.79 -8.28 -17.07
N ALA A 90 -14.31 -7.69 -15.98
CA ALA A 90 -12.89 -7.74 -15.64
C ALA A 90 -12.68 -8.14 -14.16
N GLY A 91 -11.66 -8.95 -13.91
CA GLY A 91 -11.36 -9.42 -12.55
C GLY A 91 -9.93 -9.12 -12.20
N ALA A 92 -9.71 -8.78 -10.96
CA ALA A 92 -8.34 -8.45 -10.54
C ALA A 92 -7.60 -9.58 -9.85
N GLY A 93 -8.06 -10.01 -8.68
CA GLY A 93 -7.16 -10.69 -7.69
C GLY A 93 -6.53 -9.62 -6.79
N SER A 94 -6.23 -9.92 -5.53
CA SER A 94 -5.77 -8.87 -4.60
C SER A 94 -4.39 -8.26 -4.93
N GLN A 95 -3.56 -8.96 -5.72
CA GLN A 95 -2.25 -8.41 -6.07
C GLN A 95 -2.09 -7.86 -7.50
N GLY A 96 -2.12 -8.75 -8.50
CA GLY A 96 -1.56 -8.42 -9.81
C GLY A 96 -2.41 -8.34 -11.08
N ASN A 97 -3.21 -7.27 -11.20
CA ASN A 97 -3.80 -6.81 -12.49
C ASN A 97 -5.10 -7.44 -13.05
N LEU A 98 -5.73 -6.68 -13.95
CA LEU A 98 -7.02 -7.00 -14.56
C LEU A 98 -6.93 -7.99 -15.68
N ILE A 99 -7.68 -9.09 -15.56
CA ILE A 99 -7.95 -9.90 -16.73
C ILE A 99 -9.44 -9.75 -17.16
N PHE A 100 -9.64 -9.61 -18.46
CA PHE A 100 -10.94 -9.36 -19.10
C PHE A 100 -11.55 -10.60 -19.68
N GLY A 101 -12.87 -10.69 -19.60
CA GLY A 101 -13.61 -11.70 -20.35
C GLY A 101 -13.71 -11.37 -21.85
N LYS A 102 -14.41 -12.20 -22.60
CA LYS A 102 -14.54 -11.99 -24.04
C LYS A 102 -15.69 -11.07 -24.39
N GLY A 103 -16.61 -10.86 -23.43
CA GLY A 103 -17.67 -9.87 -23.60
C GLY A 103 -18.96 -10.51 -24.06
N THR A 104 -20.07 -10.00 -23.54
CA THR A 104 -21.37 -10.25 -24.11
C THR A 104 -21.74 -9.08 -25.02
N LYS A 105 -22.04 -9.38 -26.28
CA LYS A 105 -22.47 -8.35 -27.19
C LYS A 105 -24.00 -8.16 -27.13
N LEU A 106 -24.45 -7.04 -26.56
CA LEU A 106 -25.89 -6.82 -26.38
C LEU A 106 -26.49 -5.90 -27.45
N SER A 107 -27.50 -6.41 -28.11
CA SER A 107 -28.28 -5.65 -29.07
C SER A 107 -29.74 -5.54 -28.62
N VAL A 108 -30.19 -4.33 -28.28
CA VAL A 108 -31.59 -4.06 -27.93
C VAL A 108 -32.30 -3.37 -29.10
N LYS A 109 -33.35 -4.02 -29.58
N LYS A 109 -33.35 -4.02 -29.59
CA LYS A 109 -34.11 -3.55 -30.75
CA LYS A 109 -34.10 -3.55 -30.77
C LYS A 109 -35.23 -2.61 -30.29
C LYS A 109 -35.24 -2.63 -30.33
N PRO A 110 -35.39 -1.46 -30.97
CA PRO A 110 -36.44 -0.46 -30.63
C PRO A 110 -37.85 -0.94 -30.95
N ASN A 111 -38.81 -0.48 -30.15
CA ASN A 111 -40.20 -0.70 -30.46
C ASN A 111 -40.46 0.22 -31.65
N ILE A 112 -41.19 -0.29 -32.64
CA ILE A 112 -41.54 0.46 -33.82
C ILE A 112 -43.05 0.63 -33.73
N GLN A 113 -43.48 1.87 -33.57
CA GLN A 113 -44.90 2.14 -33.33
C GLN A 113 -45.85 1.86 -34.51
N ASN A 114 -45.54 2.38 -35.70
CA ASN A 114 -46.45 2.25 -36.87
C ASN A 114 -45.73 1.61 -38.06
N PRO A 115 -45.48 0.29 -37.98
CA PRO A 115 -44.72 -0.31 -39.07
C PRO A 115 -45.45 -0.10 -40.38
N ASP A 116 -44.74 0.12 -41.48
CA ASP A 116 -45.32 0.25 -42.81
C ASP A 116 -44.31 -0.34 -43.85
N PRO A 117 -44.05 -1.65 -43.74
CA PRO A 117 -42.95 -2.27 -44.46
C PRO A 117 -43.12 -2.05 -45.94
N ALA A 118 -42.02 -1.67 -46.60
CA ALA A 118 -42.03 -1.40 -48.03
C ALA A 118 -40.62 -1.56 -48.57
N VAL A 119 -40.54 -1.74 -49.87
CA VAL A 119 -39.28 -1.75 -50.58
C VAL A 119 -39.38 -0.74 -51.71
N TYR A 120 -38.56 0.31 -51.66
CA TYR A 120 -38.55 1.39 -52.65
C TYR A 120 -37.33 1.31 -53.54
N GLN A 121 -37.40 1.90 -54.72
CA GLN A 121 -36.21 2.02 -55.54
C GLN A 121 -35.75 3.47 -55.55
N LEU A 122 -34.44 3.69 -55.38
CA LEU A 122 -33.86 5.04 -55.35
C LEU A 122 -32.85 5.22 -56.48
N ARG A 123 -32.96 6.30 -57.24
N ARG A 123 -32.94 6.33 -57.21
CA ARG A 123 -32.08 6.51 -58.39
CA ARG A 123 -32.08 6.59 -58.38
C ARG A 123 -30.89 7.41 -58.01
C ARG A 123 -30.88 7.43 -58.01
N ASP A 124 -29.75 7.18 -58.67
CA ASP A 124 -28.53 7.98 -58.46
C ASP A 124 -28.77 9.48 -58.75
N SER A 125 -28.28 10.33 -57.87
CA SER A 125 -28.25 11.78 -58.12
C SER A 125 -27.60 12.09 -59.47
N LYS A 126 -26.37 11.58 -59.67
CA LYS A 126 -25.65 11.61 -60.95
C LYS A 126 -26.49 11.03 -62.07
N SER A 127 -26.36 11.62 -63.26
CA SER A 127 -26.93 11.10 -64.51
C SER A 127 -26.64 9.60 -64.74
N SER A 128 -25.77 9.00 -63.93
CA SER A 128 -25.45 7.57 -64.05
C SER A 128 -26.71 6.72 -63.88
N ASP A 129 -26.66 5.47 -64.39
CA ASP A 129 -27.86 4.61 -64.48
C ASP A 129 -28.04 3.65 -63.28
N LYS A 130 -27.59 4.07 -62.11
CA LYS A 130 -27.48 3.19 -60.95
C LYS A 130 -28.66 3.34 -59.99
N SER A 131 -28.87 2.30 -59.19
CA SER A 131 -29.99 2.25 -58.25
C SER A 131 -29.74 1.36 -57.04
N VAL A 132 -30.39 1.73 -55.94
CA VAL A 132 -30.40 0.95 -54.75
C VAL A 132 -31.86 0.60 -54.47
N CYS A 133 -32.03 -0.44 -53.68
CA CYS A 133 -33.33 -0.82 -53.22
C CYS A 133 -33.30 -0.59 -51.73
N LEU A 134 -34.33 0.03 -51.21
CA LEU A 134 -34.36 0.36 -49.81
C LEU A 134 -35.49 -0.41 -49.16
N PHE A 135 -35.17 -1.42 -48.35
CA PHE A 135 -36.21 -2.09 -47.54
C PHE A 135 -36.42 -1.27 -46.26
N THR A 136 -37.63 -0.75 -46.02
CA THR A 136 -37.79 0.16 -44.91
C THR A 136 -39.13 0.07 -44.17
N ASP A 137 -39.17 0.66 -42.98
CA ASP A 137 -40.40 0.80 -42.19
C ASP A 137 -40.99 -0.52 -41.60
N PHE A 138 -40.21 -1.60 -41.63
CA PHE A 138 -40.60 -2.87 -40.95
C PHE A 138 -40.40 -2.79 -39.45
N ASP A 139 -41.13 -3.60 -38.69
CA ASP A 139 -40.93 -3.57 -37.26
C ASP A 139 -39.75 -4.44 -36.89
N SER A 140 -39.26 -4.30 -35.66
CA SER A 140 -38.03 -4.93 -35.24
C SER A 140 -38.11 -6.47 -35.13
N GLN A 141 -39.28 -7.05 -35.34
CA GLN A 141 -39.48 -8.50 -35.42
C GLN A 141 -38.88 -9.09 -36.72
N THR A 142 -38.63 -8.24 -37.71
CA THR A 142 -38.12 -8.65 -39.02
C THR A 142 -36.58 -8.67 -39.02
N ASN A 143 -35.99 -9.74 -39.54
CA ASN A 143 -34.54 -9.82 -39.70
C ASN A 143 -34.15 -9.72 -41.16
N VAL A 144 -33.01 -9.09 -41.46
CA VAL A 144 -32.52 -8.99 -42.82
C VAL A 144 -31.37 -9.97 -43.01
N SER A 145 -31.45 -10.84 -44.02
CA SER A 145 -30.35 -11.76 -44.31
C SER A 145 -29.37 -11.16 -45.29
N GLN A 146 -28.14 -11.63 -45.23
CA GLN A 146 -27.14 -11.20 -46.20
C GLN A 146 -27.39 -11.84 -47.55
N SER A 147 -26.70 -11.31 -48.56
CA SER A 147 -26.74 -11.81 -49.91
C SER A 147 -26.26 -13.26 -49.99
N LYS A 148 -26.92 -14.05 -50.84
CA LYS A 148 -26.46 -15.38 -51.20
C LYS A 148 -26.05 -15.31 -52.67
N ASP A 149 -25.43 -14.18 -53.04
CA ASP A 149 -24.91 -13.95 -54.40
C ASP A 149 -23.87 -12.85 -54.40
N SER A 150 -22.68 -13.21 -54.88
CA SER A 150 -21.47 -12.37 -54.88
C SER A 150 -21.64 -10.95 -55.40
N ASP A 151 -22.51 -10.77 -56.38
CA ASP A 151 -22.68 -9.46 -57.00
C ASP A 151 -23.96 -8.75 -56.54
N VAL A 152 -24.50 -9.18 -55.41
CA VAL A 152 -25.59 -8.46 -54.78
C VAL A 152 -25.15 -8.06 -53.38
N TYR A 153 -25.21 -6.79 -53.07
CA TYR A 153 -24.83 -6.34 -51.74
C TYR A 153 -26.06 -5.94 -50.93
N ILE A 154 -26.12 -6.47 -49.71
CA ILE A 154 -27.19 -6.21 -48.76
C ILE A 154 -26.61 -5.94 -47.38
N THR A 155 -27.00 -4.80 -46.81
CA THR A 155 -26.46 -4.33 -45.58
C THR A 155 -27.44 -4.78 -44.51
N ASP A 156 -27.01 -4.87 -43.26
CA ASP A 156 -27.91 -5.20 -42.17
C ASP A 156 -28.88 -4.05 -41.93
N LYS A 157 -29.84 -4.26 -41.05
CA LYS A 157 -30.80 -3.24 -40.71
C LYS A 157 -30.18 -2.21 -39.75
N CYS A 158 -30.65 -0.97 -39.83
CA CYS A 158 -30.11 0.16 -39.11
C CYS A 158 -31.33 0.98 -38.69
N VAL A 159 -31.38 1.48 -37.46
CA VAL A 159 -32.51 2.28 -37.04
C VAL A 159 -32.09 3.76 -37.08
N LEU A 160 -32.84 4.58 -37.78
CA LEU A 160 -32.63 6.00 -37.71
C LEU A 160 -33.73 6.64 -36.88
N ASP A 161 -33.43 7.78 -36.30
CA ASP A 161 -34.32 8.42 -35.35
C ASP A 161 -34.57 9.85 -35.82
N MET A 162 -35.79 10.13 -36.24
CA MET A 162 -36.15 11.49 -36.61
C MET A 162 -36.76 12.12 -35.35
N ARG A 163 -35.85 12.60 -34.50
N ARG A 163 -35.91 12.59 -34.44
CA ARG A 163 -36.09 13.12 -33.15
CA ARG A 163 -36.36 12.98 -33.09
C ARG A 163 -37.21 14.16 -33.05
C ARG A 163 -37.34 14.16 -33.08
N SER A 164 -37.14 15.15 -33.95
CA SER A 164 -38.17 16.16 -34.17
C SER A 164 -39.61 15.59 -34.33
N MET A 165 -39.73 14.38 -34.92
CA MET A 165 -41.03 13.86 -35.34
C MET A 165 -41.48 12.68 -34.50
N ASP A 166 -40.83 12.48 -33.36
CA ASP A 166 -41.05 11.30 -32.52
C ASP A 166 -41.23 10.05 -33.41
N PHE A 167 -40.28 9.85 -34.32
CA PHE A 167 -40.40 8.81 -35.32
C PHE A 167 -39.07 8.11 -35.51
N LYS A 168 -39.11 6.78 -35.38
CA LYS A 168 -37.97 5.87 -35.64
C LYS A 168 -38.32 4.96 -36.79
N SER A 169 -37.31 4.52 -37.55
CA SER A 169 -37.55 3.48 -38.53
C SER A 169 -36.33 2.63 -38.83
N ASN A 170 -36.57 1.37 -39.15
CA ASN A 170 -35.53 0.43 -39.61
C ASN A 170 -35.35 0.58 -41.09
N SER A 171 -34.16 0.24 -41.62
CA SER A 171 -34.02 0.00 -43.04
C SER A 171 -32.76 -0.78 -43.35
N ALA A 172 -32.73 -1.28 -44.57
CA ALA A 172 -31.63 -2.04 -45.09
C ALA A 172 -31.54 -1.72 -46.56
N VAL A 173 -30.31 -1.70 -47.06
CA VAL A 173 -30.05 -1.31 -48.44
C VAL A 173 -29.54 -2.51 -49.22
N ALA A 174 -30.02 -2.66 -50.44
CA ALA A 174 -29.53 -3.71 -51.33
C ALA A 174 -29.17 -3.09 -52.66
N TRP A 175 -28.03 -3.48 -53.23
CA TRP A 175 -27.67 -3.01 -54.57
C TRP A 175 -26.86 -4.01 -55.40
N SER A 176 -26.87 -3.79 -56.72
CA SER A 176 -26.16 -4.66 -57.66
C SER A 176 -25.96 -3.90 -58.95
N ASN A 177 -25.20 -4.50 -59.87
CA ASN A 177 -25.27 -4.01 -61.25
C ASN A 177 -25.67 -5.10 -62.25
N LYS A 178 -25.88 -6.31 -61.73
CA LYS A 178 -26.59 -7.37 -62.47
C LYS A 178 -27.90 -6.84 -63.10
N SER A 179 -28.17 -7.28 -64.34
CA SER A 179 -29.40 -6.92 -65.07
C SER A 179 -30.52 -7.78 -64.52
N ASP A 180 -30.09 -8.91 -63.96
CA ASP A 180 -30.87 -9.89 -63.19
C ASP A 180 -31.62 -9.30 -61.96
N PHE A 181 -31.12 -8.19 -61.45
CA PHE A 181 -31.51 -7.67 -60.12
C PHE A 181 -32.59 -6.59 -60.20
N ALA A 182 -33.62 -6.79 -59.39
CA ALA A 182 -34.75 -5.88 -59.31
C ALA A 182 -35.21 -5.85 -57.86
N CYS A 183 -35.87 -4.76 -57.46
CA CYS A 183 -36.23 -4.56 -56.07
C CYS A 183 -37.24 -5.59 -55.58
N ALA A 184 -38.06 -6.09 -56.49
CA ALA A 184 -38.99 -7.20 -56.21
C ALA A 184 -38.28 -8.41 -55.62
N ASN A 185 -37.06 -8.67 -56.10
CA ASN A 185 -36.35 -9.86 -55.76
C ASN A 185 -35.19 -9.64 -54.77
N ALA A 186 -34.84 -8.38 -54.51
CA ALA A 186 -33.64 -8.04 -53.73
C ALA A 186 -33.58 -8.73 -52.37
N PHE A 187 -34.67 -8.68 -51.62
CA PHE A 187 -34.69 -9.19 -50.24
C PHE A 187 -35.35 -10.58 -50.13
N ASN A 188 -35.34 -11.35 -51.21
CA ASN A 188 -35.93 -12.74 -51.26
C ASN A 188 -35.44 -13.71 -50.21
N ASN A 189 -34.21 -13.51 -49.75
CA ASN A 189 -33.63 -14.32 -48.69
C ASN A 189 -33.94 -13.86 -47.28
N SER A 190 -34.55 -12.67 -47.17
CA SER A 190 -35.12 -12.24 -45.90
C SER A 190 -36.54 -12.76 -45.81
N ILE A 191 -36.94 -13.13 -44.59
CA ILE A 191 -38.35 -13.36 -44.28
C ILE A 191 -38.98 -12.00 -43.98
N ILE A 192 -39.79 -11.51 -44.92
CA ILE A 192 -40.38 -10.18 -44.81
C ILE A 192 -41.88 -10.24 -44.62
N PRO A 193 -42.47 -9.16 -44.08
CA PRO A 193 -43.91 -9.23 -43.91
C PRO A 193 -44.67 -9.47 -45.22
N GLU A 194 -45.73 -10.29 -45.14
N GLU A 194 -45.70 -10.29 -45.08
CA GLU A 194 -46.51 -10.65 -46.32
CA GLU A 194 -46.60 -10.68 -46.15
C GLU A 194 -47.18 -9.44 -46.93
C GLU A 194 -47.15 -9.46 -46.88
N ASP A 195 -47.47 -8.41 -46.11
CA ASP A 195 -48.05 -7.18 -46.64
C ASP A 195 -47.01 -6.11 -47.02
N THR A 196 -45.76 -6.51 -47.26
CA THR A 196 -44.75 -5.53 -47.65
C THR A 196 -45.23 -4.81 -48.94
N PHE A 197 -45.24 -3.47 -48.90
CA PHE A 197 -45.66 -2.64 -50.04
C PHE A 197 -44.60 -2.65 -51.14
N PHE A 198 -44.94 -3.06 -52.35
CA PHE A 198 -44.03 -2.89 -53.48
C PHE A 198 -44.62 -1.98 -54.53
N PRO A 199 -44.19 -0.71 -54.59
CA PRO A 199 -44.71 0.24 -55.60
C PRO A 199 -44.56 -0.20 -57.07
N SER A 200 -45.60 0.08 -57.87
CA SER A 200 -45.65 -0.11 -59.34
C SER A 200 -45.02 -1.40 -59.89
N ASP B 3 -10.65 17.91 -15.59
CA ASP B 3 -10.90 17.71 -17.05
C ASP B 3 -9.71 17.09 -17.84
N GLY B 4 -8.79 16.41 -17.13
CA GLY B 4 -7.76 15.58 -17.77
C GLY B 4 -8.37 14.33 -18.42
N GLY B 5 -7.60 13.66 -19.31
CA GLY B 5 -8.03 12.42 -19.97
C GLY B 5 -6.90 11.70 -20.69
N ILE B 6 -7.23 10.63 -21.41
CA ILE B 6 -6.25 9.85 -22.18
C ILE B 6 -6.52 10.05 -23.63
N THR B 7 -5.47 10.11 -24.44
CA THR B 7 -5.61 10.14 -25.88
C THR B 7 -4.69 9.15 -26.58
N GLN B 8 -5.04 8.85 -27.82
CA GLN B 8 -4.30 7.94 -28.65
C GLN B 8 -4.21 8.52 -30.04
N SER B 9 -3.11 8.25 -30.72
CA SER B 9 -2.96 8.75 -32.07
C SER B 9 -1.99 7.92 -32.90
N PRO B 10 -2.24 7.85 -34.22
CA PRO B 10 -3.43 8.43 -34.83
C PRO B 10 -4.62 7.48 -34.61
N LYS B 11 -5.82 7.91 -35.03
CA LYS B 11 -7.01 7.09 -34.90
C LYS B 11 -6.92 5.86 -35.80
N TYR B 12 -6.34 6.07 -36.98
CA TYR B 12 -6.21 5.01 -37.97
C TYR B 12 -4.76 4.89 -38.40
N LEU B 13 -4.28 3.65 -38.43
CA LEU B 13 -2.92 3.34 -38.81
C LEU B 13 -2.89 2.23 -39.80
N PHE B 14 -2.21 2.52 -40.90
CA PHE B 14 -2.09 1.57 -41.98
C PHE B 14 -0.63 1.39 -42.38
N ARG B 15 -0.20 0.13 -42.49
CA ARG B 15 1.19 -0.20 -42.85
C ARG B 15 1.31 -1.45 -43.73
N LYS B 16 2.39 -1.49 -44.53
CA LYS B 16 2.82 -2.69 -45.25
C LYS B 16 3.41 -3.67 -44.24
N GLU B 17 3.23 -4.97 -44.48
CA GLU B 17 3.85 -6.01 -43.64
C GLU B 17 5.38 -5.85 -43.61
N GLY B 18 5.99 -6.28 -42.50
CA GLY B 18 7.43 -6.15 -42.32
C GLY B 18 7.89 -4.84 -41.69
N GLN B 19 6.94 -3.93 -41.41
CA GLN B 19 7.27 -2.63 -40.81
C GLN B 19 6.93 -2.59 -39.33
N ASN B 20 7.88 -2.08 -38.52
CA ASN B 20 7.58 -1.75 -37.15
C ASN B 20 6.76 -0.47 -37.16
N VAL B 21 5.88 -0.32 -36.17
CA VAL B 21 4.98 0.83 -36.10
C VAL B 21 4.79 1.30 -34.65
N THR B 22 4.68 2.60 -34.49
CA THR B 22 4.44 3.18 -33.20
C THR B 22 2.97 3.55 -32.99
N LEU B 23 2.40 3.11 -31.86
CA LEU B 23 1.11 3.60 -31.41
C LEU B 23 1.31 4.53 -30.24
N SER B 24 0.72 5.72 -30.32
CA SER B 24 0.86 6.72 -29.27
C SER B 24 -0.26 6.77 -28.25
N CYS B 25 0.12 6.95 -26.99
CA CYS B 25 -0.82 7.12 -25.90
C CYS B 25 -0.39 8.16 -24.87
N GLU B 26 -1.12 9.26 -24.76
N GLU B 26 -1.22 9.19 -24.71
CA GLU B 26 -0.81 10.19 -23.67
CA GLU B 26 -0.93 10.34 -23.83
C GLU B 26 -1.96 10.33 -22.70
C GLU B 26 -2.00 10.52 -22.74
N GLN B 27 -1.62 10.68 -21.47
CA GLN B 27 -2.61 11.01 -20.45
C GLN B 27 -2.13 12.12 -19.54
N ASN B 28 -3.07 12.96 -19.11
CA ASN B 28 -2.75 14.05 -18.20
C ASN B 28 -3.69 14.01 -17.01
N LEU B 29 -4.06 12.80 -16.65
CA LEU B 29 -4.85 12.56 -15.45
C LEU B 29 -3.95 12.46 -14.23
N ASN B 30 -2.65 12.52 -14.47
CA ASN B 30 -1.62 12.41 -13.45
C ASN B 30 -1.56 11.01 -12.83
N HIS B 31 -1.93 10.00 -13.62
CA HIS B 31 -1.87 8.63 -13.16
C HIS B 31 -0.50 8.07 -13.36
N ASP B 32 -0.13 7.12 -12.50
CA ASP B 32 1.16 6.49 -12.59
C ASP B 32 1.11 5.28 -13.48
N ALA B 33 0.03 4.51 -13.34
CA ALA B 33 -0.12 3.23 -14.05
C ALA B 33 -0.75 3.38 -15.44
N MET B 34 -0.20 2.66 -16.40
CA MET B 34 -0.63 2.71 -17.80
C MET B 34 -0.58 1.32 -18.41
N TYR B 35 -1.43 1.05 -19.40
CA TYR B 35 -1.66 -0.31 -19.90
C TYR B 35 -1.95 -0.25 -21.38
N TRP B 36 -1.61 -1.32 -22.09
CA TRP B 36 -1.94 -1.44 -23.50
C TRP B 36 -2.64 -2.76 -23.62
N TYR B 37 -3.77 -2.79 -24.35
CA TYR B 37 -4.52 -4.01 -24.66
C TYR B 37 -4.71 -4.14 -26.14
N ARG B 38 -4.84 -5.37 -26.63
CA ARG B 38 -5.40 -5.55 -27.95
C ARG B 38 -6.78 -6.19 -27.86
N GLN B 39 -7.63 -5.79 -28.80
CA GLN B 39 -8.99 -6.24 -28.91
C GLN B 39 -9.14 -6.83 -30.27
N ASP B 40 -9.65 -8.05 -30.30
CA ASP B 40 -9.98 -8.74 -31.53
C ASP B 40 -11.43 -9.19 -31.44
N PRO B 41 -12.12 -9.26 -32.61
CA PRO B 41 -13.49 -9.79 -32.66
C PRO B 41 -13.62 -11.05 -31.83
N GLY B 42 -14.52 -11.02 -30.85
CA GLY B 42 -14.81 -12.20 -30.02
C GLY B 42 -13.73 -12.62 -29.04
N GLN B 43 -12.71 -11.79 -28.84
CA GLN B 43 -11.66 -12.12 -27.90
C GLN B 43 -11.61 -11.21 -26.68
N GLY B 44 -12.36 -10.10 -26.70
CA GLY B 44 -12.34 -9.16 -25.59
C GLY B 44 -11.05 -8.38 -25.60
N LEU B 45 -10.54 -8.02 -24.44
CA LEU B 45 -9.26 -7.34 -24.38
C LEU B 45 -8.20 -8.24 -23.77
N ARG B 46 -7.02 -8.26 -24.38
CA ARG B 46 -5.88 -8.99 -23.82
C ARG B 46 -4.72 -8.03 -23.57
N LEU B 47 -4.22 -8.06 -22.34
CA LEU B 47 -3.16 -7.18 -21.85
C LEU B 47 -1.83 -7.49 -22.51
N ILE B 48 -1.21 -6.46 -23.08
CA ILE B 48 0.04 -6.58 -23.81
C ILE B 48 1.19 -6.23 -22.90
N TYR B 49 1.11 -5.03 -22.32
CA TYR B 49 2.16 -4.44 -21.50
C TYR B 49 1.53 -3.50 -20.51
N TYR B 50 2.16 -3.38 -19.34
CA TYR B 50 1.76 -2.35 -18.43
C TYR B 50 2.98 -1.71 -17.78
N SER B 51 2.76 -0.68 -16.97
CA SER B 51 3.82 0.12 -16.38
C SER B 51 3.24 0.82 -15.17
N GLN B 52 3.76 0.51 -13.99
CA GLN B 52 3.20 0.96 -12.70
C GLN B 52 3.62 2.35 -12.33
N ILE B 53 4.66 2.83 -13.00
CA ILE B 53 5.25 4.12 -12.66
C ILE B 53 6.31 4.43 -13.72
N VAL B 54 6.62 5.70 -13.88
CA VAL B 54 7.59 6.14 -14.89
C VAL B 54 8.88 5.32 -14.78
N ASN B 55 9.40 4.91 -15.93
CA ASN B 55 10.70 4.23 -16.06
C ASN B 55 10.63 2.75 -15.82
N ASP B 56 9.47 2.29 -15.39
CA ASP B 56 9.25 0.88 -15.11
C ASP B 56 8.17 0.35 -16.08
N PHE B 57 8.35 -0.84 -16.61
CA PHE B 57 7.29 -1.50 -17.37
C PHE B 57 7.49 -2.98 -17.23
N GLN B 58 6.43 -3.74 -17.49
CA GLN B 58 6.45 -5.18 -17.30
C GLN B 58 5.52 -5.90 -18.27
N LYS B 59 5.97 -7.06 -18.73
CA LYS B 59 5.28 -7.84 -19.75
C LYS B 59 3.87 -8.20 -19.29
N GLY B 60 2.95 -8.30 -20.24
CA GLY B 60 1.64 -8.80 -19.95
C GLY B 60 1.48 -10.22 -20.46
N ASP B 61 0.24 -10.68 -20.45
CA ASP B 61 -0.15 -11.99 -20.98
C ASP B 61 0.38 -12.28 -22.40
N ILE B 62 0.34 -11.28 -23.28
CA ILE B 62 0.73 -11.48 -24.69
C ILE B 62 1.71 -10.45 -25.23
N ALA B 63 2.89 -10.37 -24.63
CA ALA B 63 3.89 -9.38 -24.96
C ALA B 63 4.74 -9.66 -26.21
N GLU B 64 4.75 -10.92 -26.66
CA GLU B 64 5.48 -11.38 -27.85
C GLU B 64 5.20 -10.46 -29.02
N GLY B 65 6.23 -9.94 -29.66
CA GLY B 65 6.05 -9.06 -30.80
C GLY B 65 5.89 -7.60 -30.44
N TYR B 66 5.71 -7.31 -29.16
CA TYR B 66 5.46 -5.92 -28.75
C TYR B 66 6.53 -5.37 -27.81
N SER B 67 6.69 -4.06 -27.79
CA SER B 67 7.68 -3.46 -26.95
C SER B 67 7.10 -2.14 -26.46
N VAL B 68 7.39 -1.74 -25.22
CA VAL B 68 7.08 -0.36 -24.80
C VAL B 68 8.27 0.38 -24.18
N SER B 69 8.22 1.71 -24.22
CA SER B 69 9.06 2.51 -23.36
C SER B 69 8.16 3.34 -22.41
N ARG B 70 8.69 3.71 -21.26
CA ARG B 70 8.01 4.66 -20.38
C ARG B 70 8.99 5.67 -19.80
N GLU B 71 9.38 6.64 -20.61
CA GLU B 71 10.35 7.63 -20.17
C GLU B 71 9.68 8.74 -19.36
N LYS B 72 8.49 9.15 -19.78
CA LYS B 72 7.73 10.18 -19.07
C LYS B 72 6.48 9.56 -18.48
N LYS B 73 6.00 10.19 -17.39
CA LYS B 73 4.72 9.80 -16.76
C LYS B 73 3.55 9.82 -17.77
N GLU B 74 3.52 10.87 -18.59
CA GLU B 74 2.39 11.17 -19.45
C GLU B 74 2.20 10.26 -20.67
N SER B 75 3.20 9.45 -21.00
CA SER B 75 3.28 8.91 -22.35
C SER B 75 3.76 7.47 -22.32
N PHE B 76 3.20 6.63 -23.19
CA PHE B 76 3.42 5.18 -23.13
C PHE B 76 3.33 4.61 -24.56
N PRO B 77 4.32 4.93 -25.42
CA PRO B 77 4.38 4.45 -26.80
C PRO B 77 4.37 2.97 -26.87
N LEU B 78 3.53 2.39 -27.72
CA LEU B 78 3.57 0.96 -27.97
C LEU B 78 4.23 0.84 -29.31
N THR B 79 5.10 -0.15 -29.45
CA THR B 79 5.69 -0.40 -30.74
C THR B 79 5.28 -1.80 -31.14
N VAL B 80 4.67 -1.91 -32.32
CA VAL B 80 4.32 -3.21 -32.85
C VAL B 80 5.43 -3.61 -33.81
N THR B 81 6.12 -4.70 -33.50
CA THR B 81 7.34 -5.07 -34.23
C THR B 81 6.95 -6.01 -35.32
N SER B 82 7.77 -6.06 -36.38
CA SER B 82 7.57 -6.97 -37.51
C SER B 82 7.53 -8.45 -37.12
N ALA B 83 7.97 -8.78 -35.90
CA ALA B 83 7.90 -10.16 -35.36
C ALA B 83 6.50 -10.54 -34.85
N GLN B 84 5.67 -9.51 -34.58
CA GLN B 84 4.29 -9.77 -34.23
C GLN B 84 3.59 -10.41 -35.44
N LYS B 85 3.02 -11.59 -35.24
CA LYS B 85 2.53 -12.40 -36.38
C LYS B 85 1.17 -11.97 -36.92
N ASN B 86 0.34 -11.38 -36.06
CA ASN B 86 -1.01 -10.93 -36.44
C ASN B 86 -1.30 -9.49 -35.98
N PRO B 87 -0.64 -8.51 -36.63
CA PRO B 87 -0.62 -7.13 -36.12
C PRO B 87 -1.98 -6.41 -36.12
N THR B 88 -2.82 -6.71 -37.11
CA THR B 88 -4.12 -6.06 -37.32
C THR B 88 -5.04 -6.24 -36.13
N ALA B 89 -5.36 -5.13 -35.48
CA ALA B 89 -6.23 -5.16 -34.35
C ALA B 89 -6.69 -3.76 -33.99
N PHE B 90 -7.51 -3.70 -32.95
CA PHE B 90 -7.88 -2.48 -32.32
C PHE B 90 -7.09 -2.42 -31.03
N TYR B 91 -6.36 -1.32 -30.85
CA TYR B 91 -5.43 -1.19 -29.73
C TYR B 91 -5.87 -0.15 -28.75
N LEU B 92 -5.96 -0.56 -27.49
CA LEU B 92 -6.42 0.33 -26.40
C LEU B 92 -5.39 0.54 -25.31
N CYS B 93 -5.22 1.81 -24.95
CA CYS B 93 -4.38 2.27 -23.86
C CYS B 93 -5.26 2.61 -22.66
N ALA B 94 -4.74 2.46 -21.46
CA ALA B 94 -5.51 2.79 -20.28
C ALA B 94 -4.59 3.27 -19.16
N SER B 95 -5.15 4.00 -18.21
CA SER B 95 -4.40 4.48 -17.05
C SER B 95 -5.26 4.33 -15.81
N SER B 96 -4.63 4.29 -14.64
CA SER B 96 -5.35 4.18 -13.37
C SER B 96 -4.52 4.76 -12.22
N SER B 97 -5.20 5.08 -11.12
CA SER B 97 -4.57 5.56 -9.89
C SER B 97 -4.87 4.57 -8.76
N ARG B 98 -4.16 4.67 -7.64
CA ARG B 98 -4.48 3.79 -6.49
C ARG B 98 -5.62 4.33 -5.60
N SER B 99 -6.20 5.47 -5.98
CA SER B 99 -7.37 6.03 -5.28
C SER B 99 -8.73 5.47 -5.78
N SER B 100 -8.66 4.65 -6.84
CA SER B 100 -9.83 3.97 -7.46
C SER B 100 -9.42 2.70 -8.20
N TYR B 101 -10.34 1.73 -8.27
CA TYR B 101 -10.13 0.50 -9.06
C TYR B 101 -10.18 0.74 -10.57
N GLU B 102 -10.79 1.86 -10.95
CA GLU B 102 -11.17 2.12 -12.31
C GLU B 102 -9.97 2.18 -13.26
N GLN B 103 -10.05 1.44 -14.36
CA GLN B 103 -9.17 1.76 -15.51
C GLN B 103 -9.90 2.67 -16.50
N TYR B 104 -9.29 3.81 -16.81
CA TYR B 104 -9.82 4.77 -17.77
C TYR B 104 -9.22 4.48 -19.13
N PHE B 105 -10.05 4.37 -20.16
CA PHE B 105 -9.52 4.00 -21.49
C PHE B 105 -9.41 5.16 -22.45
N GLY B 106 -8.37 5.15 -23.26
CA GLY B 106 -8.25 6.05 -24.39
C GLY B 106 -9.20 5.58 -25.48
N PRO B 107 -9.31 6.36 -26.57
CA PRO B 107 -10.33 6.12 -27.57
C PRO B 107 -10.02 5.00 -28.51
N GLY B 108 -8.79 4.47 -28.45
CA GLY B 108 -8.41 3.36 -29.34
C GLY B 108 -7.82 3.78 -30.68
N THR B 109 -7.00 2.89 -31.25
CA THR B 109 -6.39 3.12 -32.53
C THR B 109 -6.56 1.84 -33.34
N ARG B 110 -6.99 2.03 -34.57
CA ARG B 110 -7.22 0.92 -35.45
C ARG B 110 -6.00 0.71 -36.35
N LEU B 111 -5.39 -0.48 -36.26
CA LEU B 111 -4.23 -0.80 -37.10
C LEU B 111 -4.54 -1.91 -38.07
N THR B 112 -4.41 -1.57 -39.35
CA THR B 112 -4.52 -2.54 -40.40
C THR B 112 -3.17 -2.73 -41.10
N VAL B 113 -2.73 -3.97 -41.18
CA VAL B 113 -1.50 -4.30 -41.90
C VAL B 113 -1.81 -5.02 -43.23
N THR B 114 -1.37 -4.41 -44.33
CA THR B 114 -1.65 -4.92 -45.67
C THR B 114 -0.54 -5.87 -46.14
N GLU B 115 -0.89 -6.77 -47.07
CA GLU B 115 0.10 -7.66 -47.69
C GLU B 115 1.00 -6.87 -48.61
N ASP B 116 0.41 -5.86 -49.27
CA ASP B 116 1.14 -4.89 -50.06
C ASP B 116 0.24 -3.72 -50.44
N LEU B 117 0.84 -2.60 -50.84
CA LEU B 117 0.14 -1.34 -51.01
C LEU B 117 -0.69 -1.17 -52.28
N LYS B 118 -0.71 -2.18 -53.17
CA LYS B 118 -1.45 -2.06 -54.43
C LYS B 118 -2.95 -2.20 -54.17
N ASN B 119 -3.26 -2.79 -53.03
CA ASN B 119 -4.62 -3.06 -52.58
C ASN B 119 -5.42 -1.84 -52.07
N VAL B 120 -4.78 -0.67 -52.08
CA VAL B 120 -5.32 0.47 -51.38
C VAL B 120 -6.08 1.34 -52.37
N PHE B 121 -7.32 1.65 -52.00
CA PHE B 121 -8.25 2.38 -52.86
C PHE B 121 -9.10 3.28 -52.00
N PRO B 122 -9.32 4.51 -52.47
CA PRO B 122 -10.27 5.37 -51.74
C PRO B 122 -11.70 4.95 -52.07
N PRO B 123 -12.70 5.36 -51.27
CA PRO B 123 -14.08 5.07 -51.60
C PRO B 123 -14.56 5.84 -52.82
N GLU B 124 -15.34 5.19 -53.69
CA GLU B 124 -16.23 5.95 -54.56
C GLU B 124 -17.49 6.17 -53.74
N VAL B 125 -18.11 7.33 -53.91
CA VAL B 125 -19.26 7.75 -53.10
C VAL B 125 -20.37 8.26 -54.00
N ALA B 126 -21.57 7.76 -53.77
CA ALA B 126 -22.75 8.19 -54.55
C ALA B 126 -23.95 8.40 -53.67
N VAL B 127 -24.76 9.39 -54.01
CA VAL B 127 -25.98 9.63 -53.26
C VAL B 127 -27.18 9.24 -54.10
N PHE B 128 -28.11 8.50 -53.51
CA PHE B 128 -29.31 8.09 -54.24
C PHE B 128 -30.51 8.86 -53.65
N GLU B 129 -31.33 9.42 -54.51
CA GLU B 129 -32.39 10.33 -54.09
C GLU B 129 -33.65 9.56 -53.73
N PRO B 130 -34.49 10.14 -52.85
CA PRO B 130 -35.74 9.53 -52.40
C PRO B 130 -36.64 9.12 -53.56
N SER B 131 -37.44 8.06 -53.38
CA SER B 131 -38.36 7.66 -54.43
C SER B 131 -39.67 8.41 -54.26
N GLU B 132 -40.35 8.66 -55.37
N GLU B 132 -40.33 8.67 -55.39
CA GLU B 132 -41.65 9.34 -55.34
CA GLU B 132 -41.69 9.23 -55.47
C GLU B 132 -42.74 8.45 -54.72
C GLU B 132 -42.59 8.45 -54.54
N ALA B 133 -42.49 7.14 -54.68
CA ALA B 133 -43.40 6.22 -54.00
C ALA B 133 -43.27 6.37 -52.48
N GLU B 134 -42.05 6.49 -51.98
CA GLU B 134 -41.89 6.68 -50.54
C GLU B 134 -42.48 8.02 -50.14
N ILE B 135 -42.17 9.03 -50.93
CA ILE B 135 -42.77 10.34 -50.70
C ILE B 135 -44.30 10.29 -50.60
N SER B 136 -45.02 9.69 -51.57
CA SER B 136 -46.49 9.68 -51.46
C SER B 136 -47.01 8.74 -50.40
N HIS B 137 -46.28 7.63 -50.16
CA HIS B 137 -46.75 6.62 -49.23
C HIS B 137 -46.49 7.05 -47.79
N THR B 138 -45.37 7.72 -47.55
CA THR B 138 -45.01 7.95 -46.14
C THR B 138 -44.91 9.37 -45.74
N GLN B 139 -44.98 10.29 -46.72
CA GLN B 139 -44.71 11.71 -46.46
C GLN B 139 -43.29 11.93 -45.95
N LYS B 140 -42.40 10.98 -46.24
CA LYS B 140 -41.00 11.10 -45.89
C LYS B 140 -40.10 10.76 -47.09
N ALA B 141 -38.82 11.09 -46.94
CA ALA B 141 -37.87 11.05 -48.02
C ALA B 141 -36.52 10.60 -47.46
N THR B 142 -36.09 9.41 -47.88
CA THR B 142 -34.81 8.82 -47.44
C THR B 142 -33.77 8.96 -48.54
N LEU B 143 -32.64 9.59 -48.22
CA LEU B 143 -31.51 9.63 -49.11
C LEU B 143 -30.59 8.48 -48.67
N VAL B 144 -29.94 7.84 -49.64
CA VAL B 144 -28.99 6.80 -49.33
C VAL B 144 -27.61 7.18 -49.88
N CYS B 145 -26.61 7.10 -49.02
CA CYS B 145 -25.23 7.26 -49.45
C CYS B 145 -24.53 5.91 -49.47
N LEU B 146 -23.81 5.65 -50.55
CA LEU B 146 -23.05 4.40 -50.69
C LEU B 146 -21.58 4.73 -50.85
N ALA B 147 -20.76 4.22 -49.94
CA ALA B 147 -19.33 4.32 -50.14
C ALA B 147 -18.83 2.94 -50.59
N THR B 148 -18.21 2.87 -51.76
CA THR B 148 -17.82 1.56 -52.31
C THR B 148 -16.34 1.47 -52.75
N GLY B 149 -15.82 0.25 -52.73
CA GLY B 149 -14.50 -0.13 -53.25
C GLY B 149 -13.28 0.35 -52.45
N PHE B 150 -13.47 0.58 -51.15
CA PHE B 150 -12.42 1.13 -50.32
C PHE B 150 -11.66 0.08 -49.56
N TYR B 151 -10.36 0.34 -49.42
CA TYR B 151 -9.47 -0.46 -48.58
C TYR B 151 -8.29 0.44 -48.18
N PRO B 152 -7.91 0.42 -46.88
CA PRO B 152 -8.46 -0.36 -45.77
C PRO B 152 -9.83 0.20 -45.27
N ASP B 153 -10.46 -0.52 -44.35
CA ASP B 153 -11.75 -0.12 -43.79
C ASP B 153 -11.56 1.02 -42.76
N HIS B 154 -11.11 2.18 -43.22
CA HIS B 154 -10.71 3.26 -42.35
C HIS B 154 -11.39 4.44 -42.95
N VAL B 155 -12.68 4.59 -42.64
CA VAL B 155 -13.50 5.66 -43.21
C VAL B 155 -14.39 6.24 -42.12
N GLU B 156 -14.76 7.50 -42.30
CA GLU B 156 -15.74 8.17 -41.44
C GLU B 156 -16.69 8.90 -42.36
N LEU B 157 -17.95 8.48 -42.40
CA LEU B 157 -18.95 9.22 -43.21
C LEU B 157 -19.90 10.04 -42.39
N SER B 158 -20.25 11.19 -42.93
CA SER B 158 -21.06 12.13 -42.25
C SER B 158 -21.98 12.82 -43.27
N TRP B 159 -23.12 13.35 -42.79
CA TRP B 159 -24.05 14.02 -43.66
C TRP B 159 -24.06 15.49 -43.30
N TRP B 160 -24.23 16.33 -44.30
CA TRP B 160 -24.17 17.75 -44.15
C TRP B 160 -25.39 18.30 -44.85
N VAL B 161 -26.26 18.92 -44.09
CA VAL B 161 -27.45 19.54 -44.64
C VAL B 161 -27.30 21.06 -44.52
N ASN B 162 -27.33 21.73 -45.67
CA ASN B 162 -27.11 23.18 -45.74
C ASN B 162 -25.82 23.63 -45.03
N GLY B 163 -24.75 22.84 -45.20
CA GLY B 163 -23.41 23.14 -44.67
C GLY B 163 -23.20 22.81 -43.19
N LYS B 164 -24.16 22.12 -42.58
CA LYS B 164 -24.05 21.75 -41.17
C LYS B 164 -24.23 20.25 -41.00
N GLU B 165 -23.34 19.63 -40.23
CA GLU B 165 -23.42 18.20 -40.04
C GLU B 165 -24.69 17.83 -39.26
N VAL B 166 -25.35 16.74 -39.67
CA VAL B 166 -26.56 16.30 -39.01
C VAL B 166 -26.36 14.91 -38.43
N HIS B 167 -27.03 14.62 -37.32
CA HIS B 167 -27.06 13.26 -36.74
C HIS B 167 -28.48 12.73 -36.66
N SER B 168 -29.45 13.63 -36.64
CA SER B 168 -30.81 13.22 -36.55
C SER B 168 -31.29 12.75 -37.92
N GLY B 169 -32.12 11.70 -37.95
CA GLY B 169 -32.53 11.06 -39.21
C GLY B 169 -31.45 10.26 -39.94
N VAL B 170 -30.29 10.06 -39.31
CA VAL B 170 -29.16 9.36 -39.92
C VAL B 170 -28.93 7.95 -39.31
N CYS B 171 -28.67 6.97 -40.15
CA CYS B 171 -28.21 5.66 -39.68
C CYS B 171 -27.13 5.19 -40.65
N THR B 172 -25.97 4.84 -40.12
CA THR B 172 -24.84 4.38 -40.95
C THR B 172 -24.54 2.96 -40.52
N ASP B 173 -24.31 2.05 -41.45
CA ASP B 173 -24.06 0.66 -41.07
C ASP B 173 -22.97 0.64 -40.02
N PRO B 174 -23.17 -0.11 -38.93
CA PRO B 174 -22.02 -0.16 -38.00
C PRO B 174 -20.89 -1.07 -38.52
N GLN B 175 -21.20 -1.95 -39.47
CA GLN B 175 -20.16 -2.80 -40.10
C GLN B 175 -20.11 -2.69 -41.62
N PRO B 176 -18.90 -2.58 -42.21
CA PRO B 176 -18.88 -2.55 -43.67
C PRO B 176 -19.12 -3.93 -44.23
N LEU B 177 -19.42 -3.98 -45.53
CA LEU B 177 -19.53 -5.24 -46.22
C LEU B 177 -18.26 -5.49 -46.99
N LYS B 178 -17.84 -6.75 -47.00
CA LYS B 178 -16.75 -7.19 -47.86
C LYS B 178 -17.23 -7.41 -49.29
N GLU B 179 -16.68 -6.63 -50.20
CA GLU B 179 -16.98 -6.75 -51.62
C GLU B 179 -16.55 -8.11 -52.18
N GLN B 180 -15.31 -8.51 -51.91
CA GLN B 180 -14.75 -9.77 -52.43
C GLN B 180 -14.25 -10.64 -51.29
N PRO B 181 -15.16 -11.27 -50.51
CA PRO B 181 -14.80 -11.95 -49.23
C PRO B 181 -13.66 -12.96 -49.29
N ALA B 182 -13.49 -13.63 -50.43
CA ALA B 182 -12.48 -14.69 -50.58
C ALA B 182 -11.09 -14.10 -50.80
N LEU B 183 -10.94 -12.83 -50.41
CA LEU B 183 -9.71 -12.09 -50.60
C LEU B 183 -9.43 -11.36 -49.29
N ASN B 184 -8.24 -11.63 -48.74
CA ASN B 184 -7.83 -11.13 -47.44
C ASN B 184 -7.74 -9.60 -47.38
N ASP B 185 -7.35 -8.98 -48.49
CA ASP B 185 -7.33 -7.51 -48.58
C ASP B 185 -8.50 -7.02 -49.42
N SER B 186 -9.66 -7.63 -49.14
CA SER B 186 -10.90 -7.31 -49.84
C SER B 186 -11.23 -5.86 -49.68
N ARG B 187 -11.79 -5.28 -50.74
CA ARG B 187 -12.34 -3.92 -50.69
C ARG B 187 -13.71 -3.94 -50.00
N TYR B 188 -14.13 -2.78 -49.55
CA TYR B 188 -15.26 -2.66 -48.67
C TYR B 188 -16.32 -1.74 -49.22
N SER B 189 -17.52 -1.88 -48.68
CA SER B 189 -18.63 -1.01 -49.01
C SER B 189 -19.35 -0.69 -47.72
N LEU B 190 -20.00 0.48 -47.69
CA LEU B 190 -20.73 0.94 -46.52
C LEU B 190 -21.88 1.82 -47.01
N SER B 191 -23.05 1.62 -46.42
CA SER B 191 -24.20 2.46 -46.75
C SER B 191 -24.57 3.32 -45.56
N SER B 192 -25.22 4.47 -45.84
CA SER B 192 -25.81 5.31 -44.82
C SER B 192 -27.16 5.85 -45.31
N ARG B 193 -28.09 6.11 -44.39
CA ARG B 193 -29.39 6.67 -44.78
C ARG B 193 -29.52 8.04 -44.09
N LEU B 194 -30.10 9.01 -44.78
CA LEU B 194 -30.58 10.26 -44.15
C LEU B 194 -32.03 10.44 -44.52
N ARG B 195 -32.90 10.52 -43.52
CA ARG B 195 -34.33 10.65 -43.77
C ARG B 195 -34.87 11.99 -43.28
N VAL B 196 -35.64 12.67 -44.14
CA VAL B 196 -36.27 13.96 -43.77
C VAL B 196 -37.73 13.90 -44.19
N SER B 197 -38.56 14.87 -43.78
CA SER B 197 -39.93 14.98 -44.29
C SER B 197 -39.91 15.20 -45.78
N ALA B 198 -40.95 14.73 -46.46
CA ALA B 198 -41.12 15.05 -47.89
C ALA B 198 -41.06 16.57 -48.11
N THR B 199 -41.72 17.34 -47.24
CA THR B 199 -41.77 18.78 -47.41
C THR B 199 -40.36 19.35 -47.42
N PHE B 200 -39.49 18.82 -46.57
CA PHE B 200 -38.14 19.30 -46.45
C PHE B 200 -37.34 18.92 -47.69
N TRP B 201 -37.51 17.70 -48.16
CA TRP B 201 -36.86 17.28 -49.41
C TRP B 201 -37.37 18.08 -50.62
N GLN B 202 -38.61 18.52 -50.58
CA GLN B 202 -39.19 19.20 -51.76
C GLN B 202 -38.78 20.67 -51.91
N ASN B 203 -38.00 21.17 -50.96
CA ASN B 203 -37.57 22.55 -51.00
C ASN B 203 -36.22 22.62 -51.75
N PRO B 204 -36.18 23.28 -52.92
CA PRO B 204 -34.92 23.35 -53.74
C PRO B 204 -33.81 24.21 -53.15
N ARG B 205 -34.10 24.91 -52.06
CA ARG B 205 -33.04 25.56 -51.28
C ARG B 205 -32.23 24.61 -50.39
N ASN B 206 -32.72 23.41 -50.12
CA ASN B 206 -32.02 22.51 -49.20
C ASN B 206 -30.95 21.70 -49.91
N HIS B 207 -29.74 21.73 -49.36
CA HIS B 207 -28.61 21.07 -50.00
C HIS B 207 -28.15 19.89 -49.13
N PHE B 208 -27.86 18.75 -49.75
CA PHE B 208 -27.55 17.52 -48.99
C PHE B 208 -26.21 16.95 -49.41
N ARG B 209 -25.35 16.65 -48.45
CA ARG B 209 -24.06 16.15 -48.84
C ARG B 209 -23.67 14.95 -48.00
N CYS B 210 -23.23 13.89 -48.67
CA CYS B 210 -22.61 12.74 -47.99
C CYS B 210 -21.09 12.88 -48.13
N GLN B 211 -20.39 12.81 -47.02
CA GLN B 211 -18.98 13.14 -46.96
C GLN B 211 -18.26 11.98 -46.32
N VAL B 212 -17.23 11.47 -47.01
CA VAL B 212 -16.48 10.32 -46.54
C VAL B 212 -15.01 10.63 -46.38
N GLN B 213 -14.56 10.75 -45.13
CA GLN B 213 -13.13 10.91 -44.86
C GLN B 213 -12.50 9.51 -44.95
N PHE B 214 -11.53 9.37 -45.84
CA PHE B 214 -10.77 8.14 -46.03
C PHE B 214 -9.35 8.31 -45.47
N TYR B 215 -8.81 7.26 -44.86
CA TYR B 215 -7.42 7.30 -44.34
C TYR B 215 -6.59 6.29 -45.10
N GLY B 216 -5.69 6.80 -45.95
CA GLY B 216 -5.00 5.95 -46.92
C GLY B 216 -3.49 6.02 -46.85
N LEU B 217 -2.85 6.28 -47.99
CA LEU B 217 -1.39 6.38 -48.05
C LEU B 217 -0.88 7.76 -47.63
N SER B 218 0.27 7.77 -46.97
CA SER B 218 0.90 9.02 -46.51
C SER B 218 1.75 9.69 -47.61
N GLU B 219 2.12 10.95 -47.39
CA GLU B 219 3.04 11.67 -48.30
C GLU B 219 4.51 11.28 -48.08
N ASN B 220 4.79 9.99 -48.24
CA ASN B 220 6.09 9.38 -47.91
C ASN B 220 6.14 7.99 -48.53
N ASP B 221 4.97 7.36 -48.61
CA ASP B 221 4.79 6.05 -49.25
C ASP B 221 5.09 6.17 -50.73
N GLU B 222 5.60 5.09 -51.33
CA GLU B 222 5.90 5.10 -52.77
C GLU B 222 4.72 4.64 -53.62
N TRP B 223 4.35 5.50 -54.55
CA TRP B 223 3.36 5.15 -55.55
C TRP B 223 3.96 5.25 -56.93
N THR B 224 3.83 4.17 -57.70
CA THR B 224 4.29 4.13 -59.08
C THR B 224 3.17 3.87 -60.08
N GLN B 225 2.17 3.10 -59.64
CA GLN B 225 1.15 2.51 -60.50
C GLN B 225 0.34 3.53 -61.30
N ASP B 226 -0.48 3.05 -62.25
N ASP B 226 -0.41 2.99 -62.27
CA ASP B 226 -1.19 3.98 -63.15
CA ASP B 226 -1.33 3.72 -63.13
C ASP B 226 -2.14 4.96 -62.45
C ASP B 226 -2.06 4.85 -62.40
N ARG B 227 -3.08 4.46 -61.64
CA ARG B 227 -4.02 5.35 -60.95
C ARG B 227 -3.37 6.34 -59.97
N ALA B 228 -4.06 7.45 -59.74
CA ALA B 228 -3.67 8.46 -58.74
C ALA B 228 -3.41 7.79 -57.38
N LYS B 229 -2.51 8.36 -56.59
CA LYS B 229 -2.16 7.65 -55.36
C LYS B 229 -3.24 7.75 -54.27
N PRO B 230 -3.60 6.60 -53.68
CA PRO B 230 -4.72 6.55 -52.76
C PRO B 230 -4.39 7.17 -51.39
N VAL B 231 -4.13 8.47 -51.37
CA VAL B 231 -3.85 9.19 -50.15
C VAL B 231 -5.11 9.39 -49.29
N THR B 232 -4.88 9.88 -48.09
CA THR B 232 -5.91 10.31 -47.19
C THR B 232 -6.67 11.49 -47.82
N GLN B 233 -7.98 11.35 -47.99
CA GLN B 233 -8.75 12.32 -48.76
C GLN B 233 -10.22 12.25 -48.33
N ILE B 234 -10.94 13.32 -48.57
CA ILE B 234 -12.39 13.35 -48.46
C ILE B 234 -13.03 13.09 -49.83
N VAL B 235 -13.93 12.11 -49.91
CA VAL B 235 -14.77 11.95 -51.11
C VAL B 235 -16.25 12.16 -50.72
N SER B 236 -16.99 12.81 -51.63
CA SER B 236 -18.33 13.33 -51.39
C SER B 236 -19.25 13.09 -52.58
N ALA B 237 -20.56 13.19 -52.32
CA ALA B 237 -21.58 13.36 -53.35
C ALA B 237 -22.70 14.18 -52.78
N GLU B 238 -23.40 14.90 -53.63
CA GLU B 238 -24.41 15.86 -53.17
C GLU B 238 -25.71 15.70 -53.94
N ALA B 239 -26.76 16.25 -53.36
CA ALA B 239 -28.05 16.30 -54.00
C ALA B 239 -28.77 17.53 -53.49
N TRP B 240 -29.58 18.11 -54.35
CA TRP B 240 -30.47 19.22 -53.96
C TRP B 240 -31.90 18.78 -53.92
N GLY B 241 -32.65 19.29 -52.95
CA GLY B 241 -34.11 19.17 -52.97
C GLY B 241 -34.71 19.67 -54.29
N ARG B 242 -35.92 19.20 -54.60
CA ARG B 242 -36.66 19.51 -55.84
C ARG B 242 -38.14 19.23 -55.57
N ALA B 243 -39.02 19.95 -56.27
CA ALA B 243 -40.40 20.12 -55.84
C ALA B 243 -41.44 19.01 -56.15
N ASP B 244 -41.35 18.30 -57.25
CA ASP B 244 -40.32 18.33 -58.26
C ASP B 244 -40.17 19.63 -59.10
N GLU C 1 -2.73 -22.45 22.14
CA GLU C 1 -2.84 -22.72 20.67
C GLU C 1 -1.88 -21.81 19.91
N ASP C 2 -0.92 -22.44 19.22
CA ASP C 2 0.11 -21.74 18.48
C ASP C 2 -0.43 -21.01 17.25
N LEU C 3 0.36 -20.10 16.70
CA LEU C 3 0.00 -19.29 15.54
C LEU C 3 -0.38 -20.13 14.33
N HIS C 4 -1.54 -19.86 13.75
CA HIS C 4 -2.02 -20.63 12.61
C HIS C 4 -1.26 -20.21 11.38
N ASP C 5 -1.02 -21.16 10.50
CA ASP C 5 -0.35 -20.88 9.24
C ASP C 5 -1.34 -20.44 8.15
N LYS C 6 -0.90 -19.52 7.31
CA LYS C 6 -1.68 -19.07 6.15
C LYS C 6 -2.11 -20.25 5.26
N SER C 7 -1.20 -21.21 5.09
CA SER C 7 -1.40 -22.36 4.20
C SER C 7 -2.65 -23.19 4.54
N GLU C 8 -3.15 -23.03 5.76
CA GLU C 8 -4.31 -23.76 6.23
C GLU C 8 -5.62 -23.19 5.65
N LEU C 9 -5.57 -21.96 5.15
CA LEU C 9 -6.79 -21.23 4.79
C LEU C 9 -7.17 -21.42 3.32
N THR C 10 -8.46 -21.56 3.04
CA THR C 10 -8.94 -21.62 1.65
C THR C 10 -8.72 -20.28 0.93
N ASP C 11 -8.46 -20.34 -0.37
CA ASP C 11 -8.36 -19.14 -1.19
C ASP C 11 -9.50 -18.16 -0.90
N LEU C 12 -10.71 -18.70 -0.80
CA LEU C 12 -11.86 -17.90 -0.46
C LEU C 12 -11.68 -17.16 0.88
N ALA C 13 -11.19 -17.87 1.89
CA ALA C 13 -10.95 -17.29 3.21
C ALA C 13 -9.97 -16.10 3.19
N LEU C 14 -8.91 -16.22 2.41
CA LEU C 14 -7.93 -15.16 2.28
C LEU C 14 -8.53 -13.97 1.54
N ALA C 15 -9.27 -14.25 0.46
CA ALA C 15 -9.90 -13.20 -0.31
C ALA C 15 -10.93 -12.48 0.55
N ASN C 16 -11.70 -13.24 1.33
CA ASN C 16 -12.67 -12.62 2.24
C ASN C 16 -12.02 -11.78 3.33
N ALA C 17 -10.90 -12.26 3.89
CA ALA C 17 -10.17 -11.46 4.88
C ALA C 17 -9.57 -10.21 4.25
N TYR C 18 -8.94 -10.34 3.09
CA TYR C 18 -8.50 -9.17 2.33
C TYR C 18 -9.62 -8.13 2.18
N GLY C 19 -10.79 -8.63 1.78
CA GLY C 19 -11.94 -7.77 1.49
C GLY C 19 -12.50 -7.09 2.72
N GLN C 20 -12.53 -7.83 3.84
CA GLN C 20 -13.04 -7.26 5.07
C GLN C 20 -12.13 -6.17 5.61
N TYR C 21 -10.83 -6.39 5.57
CA TYR C 21 -9.90 -5.47 6.20
C TYR C 21 -9.50 -4.34 5.30
N ASN C 22 -9.82 -4.45 4.00
CA ASN C 22 -9.60 -3.31 3.06
C ASN C 22 -10.83 -2.41 2.80
N HIS C 23 -12.03 -2.87 3.13
CA HIS C 23 -13.25 -2.09 2.86
C HIS C 23 -14.22 -2.09 4.03
N PRO C 24 -13.80 -1.52 5.16
CA PRO C 24 -14.68 -1.47 6.33
C PRO C 24 -15.76 -0.37 6.15
N PHE C 25 -16.83 -0.45 6.91
CA PHE C 25 -17.82 0.62 6.87
C PHE C 25 -17.49 1.65 7.97
N ILE C 26 -17.32 2.91 7.58
CA ILE C 26 -16.97 3.97 8.54
C ILE C 26 -17.95 5.16 8.50
N LYS C 27 -18.81 5.31 9.50
CA LYS C 27 -19.69 6.49 9.55
C LYS C 27 -19.82 7.14 10.93
N GLU C 28 -19.89 8.48 10.94
CA GLU C 28 -20.05 9.26 12.19
C GLU C 28 -21.44 9.92 12.38
N ASN C 29 -21.88 9.98 13.64
CA ASN C 29 -23.11 10.68 14.05
C ASN C 29 -24.37 10.16 13.37
N ILE C 30 -24.69 8.89 13.60
CA ILE C 30 -25.96 8.32 13.14
C ILE C 30 -26.66 7.69 14.33
N LYS C 31 -27.93 7.31 14.18
CA LYS C 31 -28.76 6.89 15.32
C LYS C 31 -29.84 5.90 14.93
N SER C 32 -30.05 4.87 15.75
CA SER C 32 -31.08 3.87 15.50
C SER C 32 -32.03 3.70 16.68
N ASP C 33 -33.34 3.82 16.43
CA ASP C 33 -34.30 3.46 17.45
C ASP C 33 -34.98 2.14 17.15
N GLU C 34 -34.20 1.17 16.66
CA GLU C 34 -34.80 -0.04 16.17
C GLU C 34 -33.93 -1.26 16.44
N ILE C 35 -34.49 -2.16 17.24
CA ILE C 35 -33.85 -3.41 17.59
C ILE C 35 -34.46 -4.48 16.71
N SER C 36 -33.63 -5.43 16.28
CA SER C 36 -34.11 -6.59 15.55
C SER C 36 -33.43 -7.85 16.09
N GLY C 37 -34.18 -8.95 16.16
CA GLY C 37 -33.70 -10.20 16.79
C GLY C 37 -33.20 -9.99 18.20
N GLU C 38 -33.82 -9.01 18.87
CA GLU C 38 -33.43 -8.49 20.21
C GLU C 38 -31.98 -8.01 20.40
N LYS C 39 -31.05 -8.52 19.59
CA LYS C 39 -29.61 -8.19 19.68
C LYS C 39 -29.12 -7.08 18.72
N ASP C 40 -29.65 -7.05 17.49
CA ASP C 40 -29.14 -6.18 16.41
C ASP C 40 -29.78 -4.77 16.40
N LEU C 41 -29.03 -3.76 15.92
CA LEU C 41 -29.53 -2.40 15.70
C LEU C 41 -29.57 -2.03 14.20
N ILE C 42 -30.64 -1.35 13.79
CA ILE C 42 -30.94 -1.09 12.38
C ILE C 42 -30.86 0.39 12.02
N PHE C 43 -30.03 0.72 11.04
CA PHE C 43 -29.93 2.09 10.54
C PHE C 43 -30.42 2.11 9.09
N ARG C 44 -31.63 2.61 8.85
CA ARG C 44 -32.23 2.49 7.53
C ARG C 44 -31.58 3.43 6.55
N ASN C 45 -31.24 2.89 5.37
CA ASN C 45 -30.56 3.62 4.29
C ASN C 45 -29.23 4.25 4.70
N GLN C 46 -28.65 3.82 5.82
CA GLN C 46 -27.47 4.54 6.33
C GLN C 46 -26.14 3.88 5.93
N GLY C 47 -26.22 2.72 5.30
CA GLY C 47 -25.05 2.01 4.82
C GLY C 47 -24.52 2.50 3.49
N ASP C 48 -23.49 1.83 2.98
CA ASP C 48 -22.91 2.13 1.67
C ASP C 48 -24.00 2.23 0.60
N SER C 49 -23.95 3.28 -0.22
CA SER C 49 -24.90 3.47 -1.31
C SER C 49 -26.38 3.33 -0.92
N GLY C 50 -26.72 3.68 0.32
CA GLY C 50 -28.13 3.72 0.74
C GLY C 50 -28.63 2.39 1.20
N ASN C 51 -27.75 1.39 1.27
CA ASN C 51 -28.15 0.10 1.83
C ASN C 51 -28.67 0.30 3.25
N ASP C 52 -29.50 -0.61 3.70
CA ASP C 52 -29.78 -0.71 5.13
C ASP C 52 -28.56 -1.30 5.83
N LEU C 53 -28.39 -0.92 7.10
CA LEU C 53 -27.28 -1.36 7.93
C LEU C 53 -27.77 -2.09 9.16
N ARG C 54 -27.32 -3.33 9.31
CA ARG C 54 -27.56 -4.10 10.51
C ARG C 54 -26.28 -4.25 11.34
N VAL C 55 -26.21 -3.54 12.46
CA VAL C 55 -25.09 -3.66 13.42
C VAL C 55 -25.41 -4.71 14.49
N LYS C 56 -24.67 -5.82 14.50
CA LYS C 56 -24.98 -7.00 15.34
C LYS C 56 -24.12 -7.09 16.62
N PHE C 57 -24.76 -7.37 17.76
CA PHE C 57 -24.07 -7.52 19.04
C PHE C 57 -24.21 -8.94 19.56
N ALA C 58 -23.35 -9.29 20.52
CA ALA C 58 -23.43 -10.58 21.24
C ALA C 58 -24.59 -10.63 22.24
N THR C 59 -25.00 -9.48 22.76
CA THR C 59 -26.05 -9.41 23.80
C THR C 59 -27.06 -8.29 23.59
N ALA C 60 -28.28 -8.51 24.09
CA ALA C 60 -29.37 -7.52 24.08
C ALA C 60 -29.06 -6.24 24.85
N ASP C 61 -28.30 -6.36 25.95
CA ASP C 61 -27.92 -5.19 26.76
C ASP C 61 -27.01 -4.24 25.97
N LEU C 62 -26.11 -4.82 25.16
CA LEU C 62 -25.27 -4.04 24.25
C LEU C 62 -26.05 -3.20 23.24
N ALA C 63 -27.10 -3.79 22.65
CA ALA C 63 -27.97 -3.07 21.71
C ALA C 63 -28.82 -2.01 22.41
N GLN C 64 -29.30 -2.35 23.60
CA GLN C 64 -30.14 -1.43 24.35
C GLN C 64 -29.32 -0.24 24.79
N LYS C 65 -28.04 -0.49 25.06
CA LYS C 65 -27.10 0.57 25.43
C LYS C 65 -26.97 1.69 24.37
N PHE C 66 -26.90 1.30 23.10
CA PHE C 66 -26.79 2.31 22.04
C PHE C 66 -28.11 2.69 21.38
N LYS C 67 -29.15 1.86 21.56
CA LYS C 67 -30.48 2.22 21.05
C LYS C 67 -30.81 3.68 21.34
N ASN C 68 -31.21 4.40 20.29
CA ASN C 68 -31.54 5.83 20.37
C ASN C 68 -30.39 6.73 20.87
N LYS C 69 -29.14 6.29 20.67
CA LYS C 69 -27.97 7.16 20.89
C LYS C 69 -27.30 7.59 19.59
N ASN C 70 -26.79 8.82 19.58
CA ASN C 70 -25.96 9.35 18.50
C ASN C 70 -24.59 8.64 18.48
N VAL C 71 -24.42 7.64 17.63
CA VAL C 71 -23.21 6.81 17.67
C VAL C 71 -22.25 7.03 16.50
N ASP C 72 -21.02 6.52 16.63
CA ASP C 72 -20.06 6.45 15.51
C ASP C 72 -19.85 4.97 15.21
N ILE C 73 -19.77 4.61 13.93
CA ILE C 73 -19.56 3.22 13.56
C ILE C 73 -18.26 3.04 12.80
N TYR C 74 -17.55 1.97 13.14
CA TYR C 74 -16.30 1.63 12.50
C TYR C 74 -16.10 0.12 12.58
N GLY C 75 -16.44 -0.59 11.51
CA GLY C 75 -16.34 -2.04 11.51
C GLY C 75 -16.31 -2.70 10.16
N ALA C 76 -16.02 -4.00 10.16
CA ALA C 76 -15.96 -4.81 8.97
C ALA C 76 -17.36 -5.22 8.49
N SER C 77 -17.71 -4.77 7.29
CA SER C 77 -19.07 -4.89 6.74
C SER C 77 -19.13 -5.98 5.66
N PHE C 78 -20.16 -6.82 5.73
CA PHE C 78 -20.38 -7.88 4.75
C PHE C 78 -21.82 -7.89 4.21
N TYR C 79 -22.04 -8.67 3.14
CA TYR C 79 -23.38 -8.84 2.56
C TYR C 79 -23.88 -10.28 2.65
N TYR C 80 -22.98 -11.24 2.47
CA TYR C 80 -23.43 -12.61 2.42
C TYR C 80 -23.86 -13.10 3.78
N LYS C 81 -25.10 -13.56 3.85
CA LYS C 81 -25.78 -13.97 5.07
C LYS C 81 -26.08 -12.76 5.98
N CYS C 82 -26.03 -11.56 5.43
CA CYS C 82 -26.61 -10.43 6.11
C CYS C 82 -28.13 -10.57 5.97
N GLU C 83 -28.81 -10.71 7.11
N GLU C 83 -28.82 -10.73 7.09
CA GLU C 83 -30.26 -10.84 7.15
CA GLU C 83 -30.28 -10.87 7.09
C GLU C 83 -30.88 -9.53 6.68
C GLU C 83 -30.89 -9.55 6.69
N LYS C 84 -31.86 -9.61 5.77
CA LYS C 84 -32.59 -8.41 5.32
C LYS C 84 -33.54 -7.90 6.39
N ILE C 85 -33.76 -6.59 6.43
CA ILE C 85 -34.76 -5.98 7.32
C ILE C 85 -35.96 -5.46 6.52
N SER C 86 -35.67 -4.97 5.32
CA SER C 86 -36.69 -4.54 4.36
C SER C 86 -36.42 -5.19 2.99
N GLU C 87 -37.05 -4.68 1.94
CA GLU C 87 -36.74 -5.16 0.60
C GLU C 87 -35.50 -4.43 0.04
N ASN C 88 -34.97 -3.45 0.78
CA ASN C 88 -33.72 -2.78 0.37
C ASN C 88 -32.55 -3.73 0.58
N ILE C 89 -31.43 -3.50 -0.12
CA ILE C 89 -30.22 -4.32 0.13
C ILE C 89 -29.71 -4.04 1.54
N SER C 90 -29.42 -5.09 2.28
CA SER C 90 -28.93 -4.96 3.65
C SER C 90 -27.43 -5.27 3.76
N GLU C 91 -26.75 -4.47 4.57
CA GLU C 91 -25.30 -4.57 4.77
C GLU C 91 -25.04 -4.75 6.27
N CYS C 92 -24.25 -5.77 6.62
CA CYS C 92 -24.07 -6.16 8.03
C CYS C 92 -22.70 -5.87 8.62
N LEU C 93 -22.62 -5.99 9.95
CA LEU C 93 -21.50 -5.48 10.72
C LEU C 93 -21.62 -5.92 12.17
N TYR C 94 -20.53 -6.40 12.75
CA TYR C 94 -20.52 -6.70 14.18
C TYR C 94 -19.91 -5.58 15.01
N GLY C 95 -20.64 -5.15 16.04
CA GLY C 95 -20.15 -4.15 16.96
C GLY C 95 -19.66 -2.84 16.39
N GLY C 96 -18.38 -2.56 16.58
CA GLY C 96 -17.75 -1.34 16.06
C GLY C 96 -18.43 -0.05 16.46
N THR C 97 -19.18 -0.06 17.56
CA THR C 97 -20.01 1.08 17.88
C THR C 97 -19.58 1.79 19.17
N THR C 98 -19.50 3.11 19.11
CA THR C 98 -19.15 3.97 20.25
C THR C 98 -19.97 5.26 20.21
N LEU C 99 -19.94 6.07 21.28
CA LEU C 99 -20.71 7.32 21.32
C LEU C 99 -20.08 8.50 20.57
N ASN C 100 -20.85 9.15 19.72
CA ASN C 100 -20.36 10.28 18.94
C ASN C 100 -19.91 11.49 19.75
N SER C 101 -20.48 11.67 20.95
CA SER C 101 -20.13 12.86 21.76
C SER C 101 -18.75 12.72 22.36
N GLU C 102 -18.37 11.47 22.62
CA GLU C 102 -17.14 11.11 23.34
C GLU C 102 -15.84 11.20 22.51
N LYS C 103 -15.43 12.44 22.23
CA LYS C 103 -14.25 12.75 21.45
C LYS C 103 -13.12 13.34 22.29
N LEU C 104 -11.89 13.06 21.87
CA LEU C 104 -10.70 13.60 22.50
C LEU C 104 -10.55 15.05 22.16
N ALA C 105 -9.74 15.76 22.96
CA ALA C 105 -9.44 17.16 22.71
C ALA C 105 -8.50 17.25 21.51
N GLN C 106 -7.57 16.30 21.43
CA GLN C 106 -6.60 16.23 20.34
C GLN C 106 -6.40 14.78 19.90
N GLU C 107 -6.08 14.61 18.63
CA GLU C 107 -5.90 13.28 18.05
C GLU C 107 -4.91 12.40 18.83
N ARG C 108 -5.30 11.17 19.15
CA ARG C 108 -4.34 10.22 19.71
C ARG C 108 -3.63 9.38 18.61
N VAL C 109 -2.29 9.49 18.59
CA VAL C 109 -1.48 8.67 17.69
C VAL C 109 -0.92 7.46 18.46
N ILE C 110 -1.12 6.27 17.93
CA ILE C 110 -0.63 5.06 18.56
C ILE C 110 0.40 4.40 17.64
N GLY C 111 1.60 4.12 18.15
CA GLY C 111 2.67 3.52 17.36
C GLY C 111 2.61 2.01 17.36
N ALA C 112 3.16 1.39 16.33
CA ALA C 112 3.20 -0.04 16.27
C ALA C 112 4.61 -0.47 15.86
N ASN C 113 5.25 -1.29 16.69
CA ASN C 113 6.51 -1.90 16.34
C ASN C 113 6.21 -3.11 15.47
N VAL C 114 7.10 -3.39 14.53
CA VAL C 114 6.90 -4.48 13.58
C VAL C 114 8.18 -5.24 13.38
N TRP C 115 8.09 -6.56 13.52
CA TRP C 115 9.18 -7.47 13.22
C TRP C 115 8.73 -8.54 12.29
N VAL C 116 9.64 -8.88 11.38
CA VAL C 116 9.48 -10.01 10.46
C VAL C 116 10.65 -10.97 10.63
N ASP C 117 10.33 -12.17 11.13
CA ASP C 117 11.32 -13.17 11.49
C ASP C 117 12.29 -12.64 12.57
N GLY C 118 11.75 -11.84 13.48
CA GLY C 118 12.54 -11.12 14.45
C GLY C 118 13.23 -9.87 13.93
N ILE C 119 13.27 -9.65 12.61
CA ILE C 119 13.94 -8.45 12.02
C ILE C 119 13.07 -7.20 12.12
N GLN C 120 13.60 -6.16 12.76
CA GLN C 120 12.87 -4.95 13.03
C GLN C 120 12.65 -4.17 11.73
N LYS C 121 11.40 -3.85 11.47
CA LYS C 121 11.03 -3.14 10.26
C LYS C 121 10.59 -1.76 10.72
N GLU C 122 10.02 -0.99 9.80
CA GLU C 122 9.68 0.40 10.09
C GLU C 122 8.57 0.42 11.11
N THR C 123 8.59 1.41 11.97
CA THR C 123 7.51 1.58 12.93
C THR C 123 6.26 2.08 12.17
N GLU C 124 5.08 1.59 12.54
CA GLU C 124 3.86 2.06 11.91
C GLU C 124 3.06 2.97 12.85
N LEU C 125 2.11 3.73 12.28
CA LEU C 125 1.25 4.64 13.04
C LEU C 125 -0.24 4.48 12.72
N ILE C 126 -1.08 4.53 13.73
CA ILE C 126 -2.52 4.70 13.53
C ILE C 126 -3.05 5.85 14.39
N ARG C 127 -4.26 6.33 14.09
CA ARG C 127 -4.86 7.46 14.83
C ARG C 127 -6.30 7.22 15.22
N THR C 128 -6.73 7.96 16.24
CA THR C 128 -8.17 8.06 16.56
C THR C 128 -8.48 9.33 17.33
N ASN C 129 -9.65 9.90 17.07
CA ASN C 129 -10.05 11.09 17.78
C ASN C 129 -11.14 10.70 18.77
N LYS C 130 -11.35 9.38 18.93
CA LYS C 130 -12.32 8.83 19.87
C LYS C 130 -11.74 8.60 21.29
N LYS C 131 -12.42 9.08 22.32
CA LYS C 131 -11.98 8.85 23.71
C LYS C 131 -12.10 7.38 24.03
N ASN C 132 -13.17 6.76 23.54
CA ASN C 132 -13.27 5.33 23.61
C ASN C 132 -13.34 4.79 22.18
N VAL C 133 -12.50 3.80 21.88
CA VAL C 133 -12.32 3.29 20.52
C VAL C 133 -12.52 1.78 20.52
N THR C 134 -13.21 1.22 19.54
CA THR C 134 -13.34 -0.23 19.58
C THR C 134 -12.01 -0.89 19.22
N LEU C 135 -11.82 -2.08 19.75
CA LEU C 135 -10.67 -2.87 19.46
C LEU C 135 -10.74 -3.28 17.98
N GLN C 136 -11.97 -3.46 17.49
CA GLN C 136 -12.20 -3.75 16.08
C GLN C 136 -11.59 -2.67 15.18
N GLU C 137 -11.94 -1.40 15.41
CA GLU C 137 -11.37 -0.30 14.62
C GLU C 137 -9.84 -0.32 14.48
N LEU C 138 -9.12 -0.62 15.56
CA LEU C 138 -7.68 -0.54 15.57
C LEU C 138 -7.06 -1.78 14.94
N ASP C 139 -7.68 -2.94 15.12
CA ASP C 139 -7.27 -4.16 14.44
C ASP C 139 -7.38 -3.96 12.91
N ILE C 140 -8.56 -3.47 12.46
CA ILE C 140 -8.77 -3.10 11.05
C ILE C 140 -7.64 -2.18 10.52
N LYS C 141 -7.33 -1.16 11.29
CA LYS C 141 -6.36 -0.16 10.87
C LYS C 141 -4.94 -0.75 10.76
N ILE C 142 -4.59 -1.66 11.68
CA ILE C 142 -3.28 -2.32 11.63
C ILE C 142 -3.22 -3.29 10.47
N ARG C 143 -4.21 -4.18 10.39
CA ARG C 143 -4.20 -5.18 9.32
C ARG C 143 -4.24 -4.49 7.95
N LYS C 144 -4.86 -3.30 7.84
CA LYS C 144 -4.82 -2.55 6.58
C LYS C 144 -3.41 -2.17 6.18
N ILE C 145 -2.67 -1.54 7.09
CA ILE C 145 -1.23 -1.31 6.91
C ILE C 145 -0.48 -2.61 6.55
N LEU C 146 -0.79 -3.69 7.26
CA LEU C 146 -0.09 -4.95 7.05
C LEU C 146 -0.41 -5.51 5.68
N SER C 147 -1.67 -5.43 5.30
CA SER C 147 -2.11 -5.79 3.95
C SER C 147 -1.38 -4.95 2.92
N ASP C 148 -1.31 -3.64 3.13
CA ASP C 148 -0.67 -2.79 2.11
C ASP C 148 0.82 -3.11 1.97
N LYS C 149 1.53 -3.19 3.09
CA LYS C 149 3.00 -3.28 3.11
C LYS C 149 3.47 -4.72 2.97
N TYR C 150 2.79 -5.64 3.65
CA TYR C 150 3.33 -6.98 3.80
C TYR C 150 2.56 -8.05 3.04
N LYS C 151 1.42 -7.63 2.47
CA LYS C 151 0.56 -8.53 1.70
C LYS C 151 0.13 -9.75 2.49
N ILE C 152 -0.13 -9.55 3.78
CA ILE C 152 -0.54 -10.66 4.66
C ILE C 152 -1.70 -11.52 4.14
N TYR C 153 -2.57 -10.98 3.29
CA TYR C 153 -3.67 -11.82 2.81
C TYR C 153 -3.59 -12.23 1.34
N TYR C 154 -2.46 -12.00 0.73
CA TYR C 154 -2.18 -12.56 -0.58
C TYR C 154 -1.69 -14.00 -0.43
N LYS C 155 -2.30 -14.95 -1.12
CA LYS C 155 -1.85 -16.35 -1.03
C LYS C 155 -0.34 -16.52 -1.23
N ASP C 156 0.19 -15.93 -2.28
CA ASP C 156 1.60 -16.11 -2.63
C ASP C 156 2.58 -15.11 -2.00
N SER C 157 2.25 -14.45 -0.89
CA SER C 157 3.27 -13.62 -0.24
C SER C 157 4.11 -14.46 0.70
N GLU C 158 5.30 -13.97 1.07
CA GLU C 158 6.15 -14.74 2.00
C GLU C 158 5.64 -14.81 3.45
N ILE C 159 4.77 -13.88 3.87
CA ILE C 159 4.22 -13.93 5.22
C ILE C 159 3.34 -15.18 5.43
N SER C 160 3.67 -15.99 6.43
CA SER C 160 2.91 -17.22 6.64
C SER C 160 2.27 -17.36 8.00
N LYS C 161 2.73 -16.57 8.96
CA LYS C 161 2.15 -16.54 10.32
C LYS C 161 2.21 -15.09 10.77
N GLY C 162 1.31 -14.67 11.64
CA GLY C 162 1.38 -13.32 12.16
C GLY C 162 0.57 -13.09 13.43
N LEU C 163 1.08 -12.20 14.28
CA LEU C 163 0.47 -11.88 15.58
C LEU C 163 0.46 -10.37 15.88
N ILE C 164 -0.68 -9.86 16.32
CA ILE C 164 -0.79 -8.47 16.71
C ILE C 164 -1.11 -8.36 18.18
N GLU C 165 -0.29 -7.62 18.91
CA GLU C 165 -0.52 -7.45 20.35
C GLU C 165 -0.77 -5.99 20.70
N PHE C 166 -1.86 -5.72 21.42
CA PHE C 166 -2.13 -4.39 21.91
C PHE C 166 -1.64 -4.33 23.35
N ASP C 167 -0.67 -3.44 23.58
CA ASP C 167 0.00 -3.29 24.87
C ASP C 167 -0.60 -2.11 25.62
N MET C 168 -1.38 -2.42 26.65
CA MET C 168 -2.10 -1.38 27.41
C MET C 168 -1.30 -0.93 28.62
N LYS C 169 -1.50 0.34 29.01
CA LYS C 169 -0.96 0.85 30.26
C LYS C 169 -1.68 0.23 31.46
N THR C 170 -2.96 -0.09 31.32
CA THR C 170 -3.69 -0.84 32.33
C THR C 170 -3.43 -2.33 32.19
N PRO C 171 -3.88 -3.16 33.15
CA PRO C 171 -3.49 -4.57 33.25
C PRO C 171 -3.83 -5.45 32.05
N ARG C 172 -4.97 -5.22 31.42
CA ARG C 172 -5.35 -6.19 30.39
C ARG C 172 -4.83 -5.83 28.99
N ASP C 173 -4.20 -6.81 28.32
CA ASP C 173 -3.70 -6.69 26.96
C ASP C 173 -4.45 -7.60 26.00
N TYR C 174 -4.49 -7.25 24.72
CA TYR C 174 -5.25 -8.03 23.74
C TYR C 174 -4.36 -8.48 22.59
N SER C 175 -4.76 -9.59 21.97
CA SER C 175 -3.95 -10.25 20.97
C SER C 175 -4.79 -10.73 19.76
N PHE C 176 -4.19 -10.69 18.58
CA PHE C 176 -4.83 -11.27 17.40
C PHE C 176 -3.88 -12.07 16.58
N ASP C 177 -4.31 -13.31 16.31
CA ASP C 177 -3.67 -14.20 15.34
C ASP C 177 -4.29 -13.89 13.96
N ILE C 178 -3.47 -13.38 13.04
CA ILE C 178 -4.02 -12.89 11.77
C ILE C 178 -4.54 -13.99 10.85
N TYR C 179 -4.12 -15.23 11.08
CA TYR C 179 -4.65 -16.32 10.27
C TYR C 179 -5.60 -17.26 11.02
N ASP C 180 -5.99 -16.86 12.21
CA ASP C 180 -6.91 -17.70 12.96
C ASP C 180 -8.30 -17.17 12.67
N LEU C 181 -8.71 -17.39 11.41
CA LEU C 181 -9.98 -16.90 10.91
C LEU C 181 -11.02 -17.90 11.36
N LYS C 182 -12.09 -17.42 12.00
CA LYS C 182 -13.04 -18.35 12.60
C LYS C 182 -13.84 -19.21 11.59
N GLY C 183 -13.59 -19.00 10.31
CA GLY C 183 -14.28 -19.70 9.22
C GLY C 183 -13.95 -19.06 7.88
N GLU C 184 -14.51 -19.57 6.80
CA GLU C 184 -14.24 -19.14 5.43
C GLU C 184 -14.93 -17.80 5.02
N ASN C 185 -16.14 -17.52 5.54
CA ASN C 185 -16.99 -16.40 5.10
C ASN C 185 -17.02 -15.17 6.04
N ASP C 186 -17.25 -14.00 5.45
CA ASP C 186 -17.25 -12.74 6.19
C ASP C 186 -18.02 -12.86 7.49
N TYR C 187 -19.25 -13.35 7.46
CA TYR C 187 -20.09 -13.41 8.66
C TYR C 187 -19.49 -14.24 9.81
N GLU C 188 -18.69 -15.26 9.46
CA GLU C 188 -17.91 -16.07 10.41
C GLU C 188 -16.62 -15.35 10.84
N ILE C 189 -15.75 -15.00 9.88
CA ILE C 189 -14.55 -14.18 10.14
C ILE C 189 -14.75 -12.98 11.10
N ASP C 190 -15.83 -12.23 10.92
CA ASP C 190 -16.07 -10.93 11.58
C ASP C 190 -16.79 -11.02 12.93
N LYS C 191 -17.32 -12.20 13.23
CA LYS C 191 -18.06 -12.41 14.48
C LYS C 191 -17.22 -12.13 15.75
N ILE C 192 -15.90 -12.34 15.63
CA ILE C 192 -14.97 -12.06 16.74
C ILE C 192 -15.24 -10.71 17.39
N TYR C 193 -15.79 -9.77 16.61
CA TYR C 193 -15.95 -8.39 17.07
C TYR C 193 -17.30 -8.11 17.75
N GLU C 194 -18.15 -9.13 17.87
CA GLU C 194 -19.50 -8.93 18.39
C GLU C 194 -19.61 -8.41 19.83
N ASP C 195 -18.61 -8.73 20.67
CA ASP C 195 -18.56 -8.21 22.07
C ASP C 195 -18.41 -6.71 22.16
N ASN C 196 -18.12 -6.07 21.03
CA ASN C 196 -18.00 -4.58 20.96
C ASN C 196 -16.91 -4.02 21.89
N LYS C 197 -15.93 -4.86 22.21
CA LYS C 197 -14.86 -4.50 23.15
C LYS C 197 -14.21 -3.18 22.78
N THR C 198 -14.15 -2.29 23.77
CA THR C 198 -13.73 -0.92 23.60
C THR C 198 -12.65 -0.54 24.62
N LEU C 199 -11.69 0.24 24.16
CA LEU C 199 -10.53 0.60 24.93
C LEU C 199 -10.63 2.06 25.16
N LYS C 200 -10.27 2.52 26.36
CA LYS C 200 -10.02 3.92 26.62
C LYS C 200 -8.78 4.29 25.80
N SER C 201 -8.86 5.38 25.05
CA SER C 201 -7.75 5.77 24.19
C SER C 201 -6.48 6.17 24.93
N ASP C 202 -6.62 6.85 26.07
CA ASP C 202 -5.46 7.33 26.84
C ASP C 202 -4.69 6.16 27.45
N ASP C 203 -5.38 5.06 27.72
CA ASP C 203 -4.77 3.89 28.37
C ASP C 203 -4.02 2.96 27.41
N ILE C 204 -4.09 3.23 26.11
CA ILE C 204 -3.36 2.36 25.18
C ILE C 204 -1.94 2.82 25.21
N SER C 205 -1.02 1.90 25.44
CA SER C 205 0.38 2.22 25.31
C SER C 205 0.83 2.18 23.85
N HIS C 206 0.93 0.97 23.28
CA HIS C 206 1.39 0.80 21.90
C HIS C 206 1.03 -0.59 21.38
N ILE C 207 1.37 -0.86 20.12
CA ILE C 207 1.07 -2.13 19.49
C ILE C 207 2.33 -2.84 19.06
N ASP C 208 2.33 -4.17 19.10
CA ASP C 208 3.45 -4.97 18.58
C ASP C 208 2.95 -5.94 17.50
N VAL C 209 3.68 -6.03 16.40
CA VAL C 209 3.35 -6.96 15.34
C VAL C 209 4.53 -7.87 15.08
N ASN C 210 4.27 -9.17 15.09
CA ASN C 210 5.26 -10.13 14.70
C ASN C 210 4.77 -10.96 13.55
N LEU C 211 5.49 -10.89 12.43
CA LEU C 211 5.14 -11.71 11.28
C LEU C 211 6.23 -12.73 11.06
N TYR C 212 5.89 -13.89 10.50
CA TYR C 212 6.89 -14.92 10.28
C TYR C 212 6.82 -15.48 8.86
N THR C 213 7.99 -15.83 8.33
CA THR C 213 8.19 -16.38 6.99
C THR C 213 8.22 -17.93 7.07
N LYS C 214 8.37 -18.61 5.92
CA LYS C 214 8.63 -20.07 5.90
C LYS C 214 10.06 -20.43 6.35
N LYS C 215 10.99 -19.46 6.26
CA LYS C 215 12.41 -19.66 6.57
C LYS C 215 12.68 -19.97 8.05
N GLU D 4 12.37 5.56 39.88
CA GLU D 4 13.16 6.38 38.90
C GLU D 4 14.37 5.63 38.29
N HIS D 5 14.46 5.61 36.96
CA HIS D 5 15.51 4.84 36.26
C HIS D 5 15.86 5.47 34.91
N VAL D 6 16.93 4.98 34.29
CA VAL D 6 17.30 5.43 32.95
C VAL D 6 17.82 4.26 32.11
N ILE D 7 17.21 4.10 30.94
CA ILE D 7 17.71 3.19 29.91
C ILE D 7 18.29 4.03 28.78
N ILE D 8 19.55 3.78 28.42
CA ILE D 8 20.18 4.54 27.34
C ILE D 8 20.65 3.58 26.28
N GLN D 9 20.22 3.81 25.04
CA GLN D 9 20.76 3.14 23.87
C GLN D 9 21.90 4.04 23.40
N ALA D 10 23.13 3.51 23.46
CA ALA D 10 24.30 4.31 23.12
C ALA D 10 25.13 3.65 22.05
N GLU D 11 25.47 4.45 21.05
CA GLU D 11 26.22 4.00 19.90
C GLU D 11 27.28 5.02 19.59
N PHE D 12 28.34 4.55 18.94
CA PHE D 12 29.31 5.47 18.40
C PHE D 12 30.00 4.94 17.15
N TYR D 13 30.50 5.88 16.36
CA TYR D 13 31.46 5.54 15.33
C TYR D 13 32.65 6.48 15.40
N LEU D 14 33.82 5.89 15.19
CA LEU D 14 35.10 6.57 15.27
C LEU D 14 35.93 6.39 14.01
N ASN D 15 36.43 7.49 13.45
CA ASN D 15 37.36 7.51 12.33
C ASN D 15 38.68 8.09 12.76
N PRO D 16 39.80 7.66 12.11
CA PRO D 16 39.87 6.69 11.01
C PRO D 16 39.96 5.23 11.49
N ASP D 17 39.73 5.03 12.78
CA ASP D 17 39.81 3.72 13.38
C ASP D 17 38.83 2.74 12.79
N GLN D 18 37.70 3.27 12.36
CA GLN D 18 36.61 2.49 11.76
C GLN D 18 36.13 1.43 12.72
N SER D 19 35.90 1.83 13.96
CA SER D 19 35.25 0.94 14.90
C SER D 19 33.98 1.61 15.39
N GLY D 20 32.99 0.79 15.71
CA GLY D 20 31.75 1.26 16.27
C GLY D 20 31.26 0.30 17.32
N GLU D 21 30.35 0.79 18.15
CA GLU D 21 29.80 0.01 19.22
C GLU D 21 28.34 0.39 19.40
N PHE D 22 27.58 -0.56 19.93
CA PHE D 22 26.18 -0.42 20.13
C PHE D 22 25.85 -1.16 21.39
N MET D 23 25.24 -0.44 22.33
CA MET D 23 24.97 -1.05 23.62
C MET D 23 23.79 -0.36 24.28
N PHE D 24 23.14 -1.13 25.15
CA PHE D 24 22.08 -0.64 26.01
C PHE D 24 22.61 -0.59 27.46
N ASP D 25 22.30 0.53 28.12
CA ASP D 25 22.74 0.80 29.48
C ASP D 25 21.50 1.01 30.36
N PHE D 26 21.44 0.27 31.48
CA PHE D 26 20.43 0.49 32.53
C PHE D 26 21.08 1.07 33.80
N ASP D 27 20.74 2.32 34.11
CA ASP D 27 21.26 3.04 35.29
C ASP D 27 22.80 3.09 35.45
N GLY D 28 23.54 2.71 34.41
CA GLY D 28 25.00 2.74 34.49
C GLY D 28 25.62 1.38 34.28
N ASP D 29 24.81 0.33 34.32
CA ASP D 29 25.24 -1.02 33.96
C ASP D 29 24.85 -1.39 32.50
N GLU D 30 25.68 -2.22 31.87
CA GLU D 30 25.42 -2.72 30.52
C GLU D 30 24.45 -3.88 30.54
N ILE D 31 23.39 -3.79 29.74
CA ILE D 31 22.51 -4.96 29.57
C ILE D 31 23.08 -5.85 28.47
N PHE D 32 23.46 -5.21 27.37
CA PHE D 32 24.08 -5.92 26.26
C PHE D 32 24.76 -4.94 25.32
N HIS D 33 25.64 -5.48 24.49
CA HIS D 33 26.17 -4.73 23.37
C HIS D 33 26.07 -5.66 22.17
N VAL D 34 26.33 -5.12 20.99
CA VAL D 34 26.46 -5.97 19.82
C VAL D 34 27.88 -6.02 19.32
N ASP D 35 28.40 -7.23 19.24
CA ASP D 35 29.68 -7.47 18.62
C ASP D 35 29.50 -7.37 17.10
N MET D 36 30.09 -6.31 16.55
CA MET D 36 30.06 -6.01 15.13
C MET D 36 30.75 -7.09 14.28
N ALA D 37 31.97 -7.45 14.67
CA ALA D 37 32.74 -8.46 13.94
C ALA D 37 32.04 -9.80 13.79
N LYS D 38 31.36 -10.25 14.85
CA LYS D 38 30.71 -11.57 14.87
C LYS D 38 29.20 -11.48 14.72
N LYS D 39 28.70 -10.25 14.57
CA LYS D 39 27.27 -9.99 14.32
C LYS D 39 26.32 -10.70 15.33
N GLU D 40 26.71 -10.67 16.61
CA GLU D 40 25.87 -11.26 17.66
C GLU D 40 25.62 -10.34 18.84
N THR D 41 24.56 -10.65 19.57
CA THR D 41 24.21 -9.94 20.75
C THR D 41 24.86 -10.64 21.95
N VAL D 42 25.52 -9.85 22.78
CA VAL D 42 26.22 -10.36 23.95
C VAL D 42 25.66 -9.67 25.18
N TRP D 43 24.94 -10.44 25.97
CA TRP D 43 24.38 -10.01 27.25
C TRP D 43 25.48 -9.92 28.32
N ARG D 44 25.52 -8.79 29.03
CA ARG D 44 26.51 -8.58 30.08
C ARG D 44 26.51 -9.77 31.02
N LEU D 45 25.36 -10.06 31.62
CA LEU D 45 25.16 -11.28 32.40
C LEU D 45 24.38 -12.29 31.57
N GLU D 46 24.78 -13.55 31.64
CA GLU D 46 24.20 -14.64 30.86
C GLU D 46 22.69 -14.87 31.07
N GLU D 47 22.20 -14.58 32.28
CA GLU D 47 20.79 -14.78 32.63
C GLU D 47 19.85 -13.88 31.79
N PHE D 48 20.32 -12.67 31.47
CA PHE D 48 19.56 -11.70 30.68
C PHE D 48 19.02 -12.33 29.39
N GLY D 49 19.84 -13.19 28.77
CA GLY D 49 19.61 -13.71 27.43
C GLY D 49 18.66 -14.89 27.26
N ARG D 50 17.98 -15.29 28.32
CA ARG D 50 16.88 -16.24 28.20
C ARG D 50 15.62 -15.55 28.66
N PHE D 51 15.79 -14.33 29.13
CA PHE D 51 14.67 -13.53 29.57
C PHE D 51 14.23 -12.59 28.42
N ALA D 52 15.18 -12.24 27.55
CA ALA D 52 14.98 -11.21 26.53
C ALA D 52 15.70 -11.58 25.25
N SER D 53 15.44 -10.83 24.18
CA SER D 53 16.24 -10.95 22.98
C SER D 53 16.36 -9.66 22.19
N PHE D 54 17.34 -9.65 21.30
CA PHE D 54 17.58 -8.55 20.41
C PHE D 54 18.32 -9.07 19.22
N GLU D 55 17.78 -8.77 18.04
CA GLU D 55 18.38 -9.17 16.79
C GLU D 55 19.51 -8.19 16.40
N ALA D 56 20.72 -8.73 16.37
CA ALA D 56 21.96 -7.97 16.09
C ALA D 56 21.88 -7.06 14.86
N GLN D 57 21.25 -7.58 13.80
N GLN D 57 21.24 -7.54 13.80
CA GLN D 57 21.00 -6.87 12.53
CA GLN D 57 21.14 -6.81 12.53
C GLN D 57 20.58 -5.42 12.71
C GLN D 57 20.51 -5.41 12.64
N GLY D 58 19.69 -5.18 13.67
CA GLY D 58 19.16 -3.82 13.92
C GLY D 58 20.27 -2.84 14.29
N ALA D 59 21.24 -3.33 15.07
CA ALA D 59 22.38 -2.53 15.46
C ALA D 59 23.30 -2.30 14.26
N LEU D 60 23.58 -3.37 13.52
CA LEU D 60 24.39 -3.28 12.28
C LEU D 60 23.86 -2.21 11.31
N ALA D 61 22.54 -2.14 11.13
CA ALA D 61 21.95 -1.10 10.28
C ALA D 61 22.19 0.30 10.84
N ASN D 62 22.06 0.45 12.16
CA ASN D 62 22.33 1.70 12.85
C ASN D 62 23.78 2.15 12.70
N ILE D 63 24.71 1.23 12.93
CA ILE D 63 26.14 1.52 12.80
C ILE D 63 26.50 2.00 11.38
N ALA D 64 25.90 1.40 10.35
CA ALA D 64 26.09 1.87 8.97
C ALA D 64 25.68 3.34 8.78
N VAL D 65 24.54 3.72 9.33
CA VAL D 65 24.07 5.11 9.26
C VAL D 65 25.03 6.00 10.08
N ASP D 66 25.49 5.50 11.24
CA ASP D 66 26.40 6.28 12.09
C ASP D 66 27.71 6.61 11.33
N LYS D 67 28.26 5.58 10.67
CA LYS D 67 29.45 5.71 9.85
C LYS D 67 29.30 6.84 8.84
N ALA D 68 28.27 6.73 8.01
CA ALA D 68 27.99 7.70 6.95
C ALA D 68 27.79 9.12 7.52
N ASN D 69 27.08 9.20 8.65
CA ASN D 69 26.84 10.48 9.32
C ASN D 69 28.11 11.14 9.86
N LEU D 70 28.99 10.34 10.47
CA LEU D 70 30.28 10.82 10.95
C LEU D 70 31.08 11.49 9.82
N GLU D 71 31.09 10.84 8.65
CA GLU D 71 31.78 11.40 7.48
C GLU D 71 31.17 12.76 7.14
N ILE D 72 29.83 12.81 7.09
CA ILE D 72 29.10 14.08 6.88
C ILE D 72 29.47 15.17 7.90
N MET D 73 29.45 14.83 9.20
CA MET D 73 29.72 15.82 10.27
C MET D 73 31.16 16.29 10.28
N THR D 74 32.09 15.33 10.19
CA THR D 74 33.51 15.59 10.04
C THR D 74 33.72 16.68 8.99
N LYS D 75 33.18 16.47 7.79
CA LYS D 75 33.30 17.46 6.73
C LYS D 75 32.60 18.78 7.09
N ARG D 76 31.41 18.70 7.67
CA ARG D 76 30.64 19.89 8.03
C ARG D 76 31.38 20.79 9.02
N SER D 77 32.20 20.19 9.89
CA SER D 77 32.98 20.96 10.87
C SER D 77 34.36 21.43 10.37
N ASN D 78 34.54 21.47 9.05
CA ASN D 78 35.84 21.69 8.38
C ASN D 78 36.96 20.83 8.96
N TYR D 79 36.62 19.57 9.25
CA TYR D 79 37.56 18.54 9.72
C TYR D 79 38.24 18.93 11.05
N THR D 80 37.42 19.44 11.98
CA THR D 80 37.87 19.66 13.36
C THR D 80 38.03 18.30 14.04
N PRO D 81 39.25 17.94 14.46
CA PRO D 81 39.42 16.66 15.15
C PRO D 81 39.00 16.73 16.61
N ILE D 82 38.81 15.57 17.23
CA ILE D 82 38.55 15.49 18.66
C ILE D 82 39.78 15.98 19.44
N THR D 83 39.51 16.64 20.57
CA THR D 83 40.51 16.92 21.60
C THR D 83 40.54 15.70 22.53
N ASN D 84 41.69 15.05 22.68
CA ASN D 84 41.76 13.90 23.58
C ASN D 84 41.59 14.36 25.03
N VAL D 85 40.94 13.53 25.84
CA VAL D 85 40.84 13.78 27.26
C VAL D 85 41.40 12.54 27.96
N PRO D 86 42.48 12.72 28.75
CA PRO D 86 43.15 11.60 29.40
C PRO D 86 42.24 10.92 30.40
N PRO D 87 42.39 9.61 30.60
CA PRO D 87 41.60 8.94 31.62
C PRO D 87 42.14 9.15 33.03
N GLU D 88 41.27 8.98 34.02
N GLU D 88 41.27 8.98 34.02
CA GLU D 88 41.67 8.76 35.40
CA GLU D 88 41.67 8.76 35.40
C GLU D 88 41.54 7.28 35.61
C GLU D 88 41.54 7.27 35.61
N VAL D 89 42.55 6.65 36.19
CA VAL D 89 42.46 5.21 36.50
C VAL D 89 42.41 5.06 38.02
N THR D 90 41.69 4.05 38.47
CA THR D 90 41.72 3.63 39.85
C THR D 90 41.67 2.10 39.78
N VAL D 91 42.56 1.43 40.51
CA VAL D 91 42.49 -0.02 40.65
C VAL D 91 41.89 -0.31 42.01
N LEU D 92 41.14 -1.39 42.07
CA LEU D 92 40.35 -1.73 43.23
C LEU D 92 40.06 -3.21 43.09
N THR D 93 39.54 -3.82 44.15
CA THR D 93 39.31 -5.25 44.12
C THR D 93 37.85 -5.59 44.35
N ASN D 94 37.40 -6.66 43.70
CA ASN D 94 36.08 -7.23 43.86
C ASN D 94 35.58 -7.17 45.33
N SER D 95 36.26 -7.91 46.21
CA SER D 95 35.99 -7.86 47.66
C SER D 95 37.31 -7.76 48.46
N PRO D 96 37.26 -7.15 49.67
CA PRO D 96 38.39 -7.11 50.60
C PRO D 96 39.27 -8.37 50.55
N VAL D 97 40.58 -8.17 50.42
CA VAL D 97 41.50 -9.25 50.07
C VAL D 97 41.69 -10.27 51.20
N GLU D 98 41.37 -11.53 50.90
CA GLU D 98 41.64 -12.63 51.84
C GLU D 98 42.67 -13.59 51.24
N LEU D 99 43.81 -13.72 51.93
CA LEU D 99 44.93 -14.55 51.49
C LEU D 99 44.49 -15.97 51.16
N ARG D 100 44.83 -16.40 49.94
CA ARG D 100 44.45 -17.70 49.36
C ARG D 100 42.94 -17.96 49.27
N GLU D 101 42.20 -16.99 48.73
CA GLU D 101 40.78 -17.15 48.42
C GLU D 101 40.44 -16.32 47.17
N PRO D 102 40.13 -17.00 46.03
CA PRO D 102 40.02 -16.37 44.70
C PRO D 102 39.29 -15.02 44.68
N ASN D 103 39.99 -14.00 44.23
CA ASN D 103 39.46 -12.65 44.15
C ASN D 103 39.61 -12.11 42.73
N VAL D 104 39.11 -10.89 42.51
CA VAL D 104 39.16 -10.27 41.18
C VAL D 104 39.70 -8.85 41.27
N LEU D 105 40.68 -8.56 40.44
CA LEU D 105 41.20 -7.21 40.33
C LEU D 105 40.42 -6.41 39.30
N ILE D 106 40.07 -5.19 39.66
CA ILE D 106 39.29 -4.31 38.79
C ILE D 106 40.09 -3.05 38.39
N CYS D 107 40.36 -2.91 37.10
CA CYS D 107 40.95 -1.70 36.56
C CYS D 107 39.82 -0.86 35.99
N PHE D 108 39.51 0.24 36.66
CA PHE D 108 38.42 1.13 36.24
C PHE D 108 38.99 2.34 35.54
N ILE D 109 38.72 2.43 34.24
CA ILE D 109 39.24 3.50 33.38
C ILE D 109 38.10 4.48 33.15
N ASP D 110 38.28 5.73 33.59
CA ASP D 110 37.18 6.67 33.64
C ASP D 110 37.52 8.01 33.00
N LYS D 111 36.47 8.72 32.60
CA LYS D 111 36.51 10.10 32.11
C LYS D 111 37.43 10.37 30.92
N PHE D 112 37.37 9.52 29.90
CA PHE D 112 38.24 9.69 28.72
C PHE D 112 37.53 9.68 27.36
N THR D 113 38.22 10.22 26.36
CA THR D 113 37.78 10.18 24.96
C THR D 113 38.98 10.53 24.07
N PRO D 114 39.08 9.95 22.85
CA PRO D 114 38.21 8.99 22.17
C PRO D 114 38.24 7.64 22.84
N PRO D 115 37.33 6.73 22.45
CA PRO D 115 37.30 5.36 22.99
C PRO D 115 38.29 4.38 22.32
N VAL D 116 39.58 4.62 22.56
CA VAL D 116 40.66 3.66 22.26
C VAL D 116 41.63 3.68 23.44
N VAL D 117 41.99 2.49 23.91
CA VAL D 117 42.78 2.35 25.13
C VAL D 117 43.51 0.99 25.14
N ASN D 118 44.83 1.03 25.24
CA ASN D 118 45.62 -0.19 25.40
C ASN D 118 45.88 -0.47 26.89
N VAL D 119 45.38 -1.61 27.36
CA VAL D 119 45.42 -1.95 28.79
C VAL D 119 46.12 -3.30 29.01
N THR D 120 47.08 -3.31 29.94
CA THR D 120 47.83 -4.51 30.32
C THR D 120 47.83 -4.69 31.82
N TRP D 121 47.71 -5.95 32.25
CA TRP D 121 48.01 -6.34 33.62
C TRP D 121 49.46 -6.83 33.72
N LEU D 122 50.25 -6.18 34.56
CA LEU D 122 51.61 -6.59 34.88
C LEU D 122 51.63 -7.25 36.26
N ARG D 123 51.90 -8.55 36.29
CA ARG D 123 52.18 -9.26 37.55
C ARG D 123 53.69 -9.24 37.78
N ASN D 124 54.10 -8.59 38.87
CA ASN D 124 55.50 -8.25 39.15
C ASN D 124 56.05 -7.17 38.20
N GLY D 125 56.18 -7.53 36.92
CA GLY D 125 56.67 -6.62 35.90
C GLY D 125 56.42 -7.21 34.53
N LYS D 126 56.07 -8.51 34.51
CA LYS D 126 55.75 -9.20 33.26
C LYS D 126 54.23 -9.18 32.96
N PRO D 127 53.86 -9.00 31.68
CA PRO D 127 52.44 -8.96 31.24
C PRO D 127 51.69 -10.30 31.35
N VAL D 128 50.50 -10.27 31.94
CA VAL D 128 49.63 -11.45 32.03
C VAL D 128 48.28 -11.26 31.31
N THR D 129 47.95 -12.25 30.49
CA THR D 129 46.72 -12.26 29.68
C THR D 129 45.98 -13.59 29.83
N THR D 130 45.90 -14.09 31.07
CA THR D 130 45.26 -15.37 31.37
C THR D 130 44.02 -15.20 32.27
N GLY D 131 42.87 -15.62 31.74
CA GLY D 131 41.58 -15.40 32.40
C GLY D 131 41.10 -13.95 32.37
N VAL D 132 41.79 -13.08 31.62
CA VAL D 132 41.39 -11.68 31.52
C VAL D 132 40.05 -11.52 30.82
N SER D 133 39.35 -10.44 31.15
CA SER D 133 38.11 -10.04 30.48
C SER D 133 37.97 -8.52 30.59
N GLU D 134 37.03 -7.97 29.82
CA GLU D 134 36.81 -6.52 29.77
C GLU D 134 35.38 -6.19 29.34
N THR D 135 35.01 -4.92 29.47
CA THR D 135 33.74 -4.43 28.94
C THR D 135 33.97 -3.58 27.70
N VAL D 136 32.87 -3.16 27.06
CA VAL D 136 32.89 -2.22 25.95
C VAL D 136 32.91 -0.81 26.52
N PHE D 137 33.07 0.18 25.67
CA PHE D 137 33.10 1.55 26.16
C PHE D 137 31.70 2.01 26.61
N LEU D 138 31.54 2.15 27.92
CA LEU D 138 30.26 2.56 28.52
C LEU D 138 30.12 4.09 28.50
N PRO D 139 28.89 4.62 28.46
CA PRO D 139 28.70 6.07 28.29
C PRO D 139 28.67 6.84 29.61
N ARG D 140 28.77 8.16 29.51
CA ARG D 140 28.69 9.07 30.66
C ARG D 140 27.93 10.32 30.23
N GLU D 141 27.29 11.00 31.17
N GLU D 141 27.28 10.99 31.17
CA GLU D 141 26.48 12.18 30.86
CA GLU D 141 26.49 12.18 30.89
C GLU D 141 27.28 13.30 30.20
C GLU D 141 27.28 13.37 30.36
N ASP D 142 28.60 13.26 30.38
CA ASP D 142 29.46 14.32 29.85
C ASP D 142 29.98 13.94 28.46
N HIS D 143 29.69 12.68 28.09
CA HIS D 143 29.98 12.11 26.76
C HIS D 143 31.39 11.56 26.67
N LEU D 144 32.02 11.37 27.84
CA LEU D 144 33.27 10.63 27.94
C LEU D 144 32.88 9.20 28.21
N PHE D 145 33.88 8.36 28.40
CA PHE D 145 33.65 6.94 28.45
C PHE D 145 34.17 6.34 29.73
N ARG D 146 33.66 5.16 30.05
CA ARG D 146 34.11 4.36 31.18
C ARG D 146 34.45 3.00 30.60
N LYS D 147 35.35 2.27 31.26
CA LYS D 147 35.68 0.89 30.82
C LYS D 147 36.25 0.06 31.95
N PHE D 148 35.84 -1.20 32.00
CA PHE D 148 36.32 -2.11 33.02
C PHE D 148 37.22 -3.20 32.44
N HIS D 149 38.30 -3.50 33.16
CA HIS D 149 39.16 -4.63 32.82
C HIS D 149 39.25 -5.55 34.03
N TYR D 150 39.30 -6.85 33.78
CA TYR D 150 39.24 -7.86 34.85
C TYR D 150 40.37 -8.89 34.80
N LEU D 151 41.07 -9.02 35.94
CA LEU D 151 42.09 -10.03 36.14
C LEU D 151 41.73 -10.82 37.40
N PRO D 152 41.32 -12.09 37.22
CA PRO D 152 41.13 -13.00 38.35
C PRO D 152 42.45 -13.67 38.76
N PHE D 153 42.60 -13.90 40.05
CA PHE D 153 43.87 -14.36 40.61
C PHE D 153 43.67 -15.16 41.92
N LEU D 154 44.75 -15.29 42.69
CA LEU D 154 44.69 -15.78 44.06
C LEU D 154 45.62 -14.92 44.91
N PRO D 155 45.06 -14.27 45.96
CA PRO D 155 45.78 -13.32 46.82
C PRO D 155 47.00 -13.91 47.54
N SER D 156 48.08 -13.12 47.58
CA SER D 156 49.37 -13.54 48.11
C SER D 156 50.21 -12.32 48.48
N THR D 157 51.20 -12.55 49.34
CA THR D 157 52.25 -11.57 49.61
C THR D 157 53.34 -11.69 48.53
N GLU D 158 53.48 -12.90 47.99
CA GLU D 158 54.49 -13.23 46.97
C GLU D 158 54.30 -12.57 45.59
N ASP D 159 53.42 -11.58 45.51
CA ASP D 159 53.05 -10.95 44.23
C ASP D 159 52.61 -9.50 44.36
N VAL D 160 52.93 -8.71 43.33
CA VAL D 160 52.38 -7.36 43.18
C VAL D 160 51.80 -7.17 41.78
N TYR D 161 50.91 -6.19 41.63
CA TYR D 161 50.20 -5.97 40.38
C TYR D 161 50.26 -4.55 39.89
N ASP D 162 50.27 -4.40 38.57
CA ASP D 162 50.25 -3.12 37.90
C ASP D 162 49.28 -3.17 36.71
N CYS D 163 48.22 -2.35 36.75
CA CYS D 163 47.37 -2.15 35.58
C CYS D 163 47.96 -1.01 34.75
N ARG D 164 48.50 -1.34 33.58
CA ARG D 164 49.07 -0.29 32.74
C ARG D 164 48.10 0.16 31.65
N VAL D 165 47.86 1.47 31.61
CA VAL D 165 46.89 2.05 30.71
C VAL D 165 47.54 3.08 29.78
N GLU D 166 47.36 2.88 28.47
CA GLU D 166 47.82 3.82 27.45
C GLU D 166 46.67 4.52 26.70
N HIS D 167 46.83 5.84 26.52
CA HIS D 167 45.83 6.68 25.90
C HIS D 167 46.50 7.93 25.34
N TRP D 168 46.00 8.42 24.20
CA TRP D 168 46.65 9.53 23.48
C TRP D 168 46.72 10.87 24.21
N GLY D 169 45.83 11.09 25.18
CA GLY D 169 45.78 12.33 25.94
C GLY D 169 46.70 12.27 27.15
N LEU D 170 47.45 11.18 27.23
CA LEU D 170 48.44 10.92 28.25
C LEU D 170 49.83 10.99 27.62
N ASP D 171 50.63 11.98 28.04
CA ASP D 171 52.01 12.09 27.56
C ASP D 171 52.89 10.90 28.01
N GLU D 172 52.52 10.25 29.09
CA GLU D 172 53.19 9.01 29.50
C GLU D 172 52.19 7.94 29.97
N PRO D 173 52.35 6.68 29.47
CA PRO D 173 51.58 5.51 29.94
C PRO D 173 51.27 5.57 31.42
N LEU D 174 50.02 5.37 31.80
CA LEU D 174 49.63 5.50 33.20
C LEU D 174 49.74 4.16 33.94
N LEU D 175 50.24 4.23 35.17
CA LEU D 175 50.48 3.05 36.00
C LEU D 175 49.80 3.20 37.36
N LYS D 176 48.93 2.27 37.68
CA LYS D 176 48.31 2.21 38.99
C LYS D 176 48.61 0.85 39.61
N HIS D 177 49.16 0.88 40.82
CA HIS D 177 49.69 -0.30 41.49
C HIS D 177 48.72 -0.77 42.56
N TRP D 178 48.70 -2.07 42.81
CA TRP D 178 47.97 -2.63 43.95
C TRP D 178 48.75 -3.76 44.60
N GLU D 179 49.08 -3.58 45.87
CA GLU D 179 49.76 -4.61 46.67
C GLU D 179 48.89 -5.07 47.83
N PHE D 180 48.95 -6.39 48.12
CA PHE D 180 48.22 -7.00 49.24
C PHE D 180 48.29 -6.21 50.55
N ASP D 181 47.13 -5.99 51.17
CA ASP D 181 47.04 -5.22 52.42
C ASP D 181 46.82 -6.10 53.63
N ASP E 2 49.16 6.90 17.24
CA ASP E 2 49.70 6.66 15.87
C ASP E 2 49.72 7.94 15.05
N THR E 3 49.14 9.00 15.61
CA THR E 3 49.24 10.39 15.11
C THR E 3 48.09 10.98 14.25
N ARG E 4 47.28 10.13 13.62
CA ARG E 4 46.16 10.64 12.83
C ARG E 4 45.13 11.35 13.73
N PRO E 5 44.53 12.44 13.23
CA PRO E 5 43.49 13.07 14.05
C PRO E 5 42.23 12.20 14.02
N ARG E 6 41.58 12.04 15.18
CA ARG E 6 40.32 11.27 15.25
C ARG E 6 39.10 12.18 15.16
N PHE E 7 38.01 11.55 14.76
CA PHE E 7 36.71 12.20 14.59
C PHE E 7 35.68 11.24 15.13
N LEU E 8 34.83 11.72 16.03
CA LEU E 8 33.91 10.84 16.75
C LEU E 8 32.46 11.28 16.65
N TRP E 9 31.60 10.27 16.49
CA TRP E 9 30.16 10.46 16.40
C TRP E 9 29.48 9.57 17.41
N GLN E 10 28.78 10.19 18.34
CA GLN E 10 28.07 9.46 19.40
C GLN E 10 26.58 9.73 19.35
N LEU E 11 25.81 8.68 19.60
CA LEU E 11 24.35 8.74 19.57
C LEU E 11 23.79 8.14 20.84
N LYS E 12 22.82 8.86 21.39
CA LYS E 12 22.19 8.47 22.63
C LYS E 12 20.68 8.64 22.51
N PHE E 13 19.97 7.59 22.92
CA PHE E 13 18.51 7.59 23.08
C PHE E 13 18.30 7.24 24.52
N GLU E 14 17.84 8.22 25.29
CA GLU E 14 17.71 8.09 26.74
C GLU E 14 16.26 8.03 27.17
N CYS E 15 15.89 6.95 27.84
CA CYS E 15 14.55 6.81 28.40
C CYS E 15 14.56 7.07 29.91
N HIS E 16 13.95 8.16 30.31
CA HIS E 16 13.92 8.53 31.72
C HIS E 16 12.58 8.20 32.34
N PHE E 17 12.60 7.33 33.34
CA PHE E 17 11.37 6.88 34.01
C PHE E 17 11.15 7.55 35.37
N PHE E 18 9.92 8.03 35.59
CA PHE E 18 9.51 8.58 36.89
C PHE E 18 8.28 7.84 37.44
N ASN E 19 8.46 7.15 38.56
CA ASN E 19 7.42 6.39 39.25
C ASN E 19 6.90 5.18 38.47
N GLY E 20 7.70 4.13 38.48
CA GLY E 20 7.49 3.01 37.60
C GLY E 20 7.54 3.53 36.18
N THR E 21 6.41 3.42 35.49
CA THR E 21 6.33 3.81 34.10
C THR E 21 5.26 4.88 33.91
N GLU E 22 4.83 5.50 35.01
CA GLU E 22 3.77 6.50 35.00
C GLU E 22 4.14 7.73 34.20
N ARG E 23 5.40 8.14 34.30
N ARG E 23 5.40 8.14 34.31
CA ARG E 23 5.91 9.25 33.50
CA ARG E 23 5.92 9.26 33.53
C ARG E 23 7.22 8.88 32.84
C ARG E 23 7.22 8.84 32.84
N VAL E 24 7.26 9.01 31.51
CA VAL E 24 8.43 8.68 30.74
C VAL E 24 8.94 9.92 30.01
N ARG E 25 10.26 10.02 29.86
CA ARG E 25 10.85 11.07 29.06
C ARG E 25 11.88 10.48 28.10
N LEU E 26 11.77 10.84 26.83
CA LEU E 26 12.75 10.41 25.83
C LEU E 26 13.65 11.58 25.47
N LEU E 27 14.95 11.36 25.61
CA LEU E 27 15.95 12.31 25.15
C LEU E 27 16.86 11.61 24.13
N GLU E 28 16.83 12.16 22.92
CA GLU E 28 17.60 11.64 21.81
C GLU E 28 18.63 12.72 21.50
N ARG E 29 19.89 12.30 21.46
CA ARG E 29 21.05 13.21 21.40
C ARG E 29 22.04 12.76 20.34
N CYS E 30 22.49 13.72 19.53
CA CYS E 30 23.57 13.52 18.59
C CYS E 30 24.80 14.31 19.03
N ILE E 31 25.94 13.63 19.11
CA ILE E 31 27.15 14.21 19.67
C ILE E 31 28.37 14.04 18.77
N TYR E 32 28.89 15.17 18.28
CA TYR E 32 30.13 15.20 17.48
C TYR E 32 31.32 15.64 18.34
N ASN E 33 32.40 14.88 18.31
CA ASN E 33 33.58 15.16 19.16
C ASN E 33 33.21 15.72 20.55
N GLN E 34 32.46 14.92 21.30
CA GLN E 34 32.07 15.25 22.69
C GLN E 34 31.07 16.41 22.84
N GLU E 35 30.76 17.09 21.74
CA GLU E 35 29.83 18.21 21.72
C GLU E 35 28.42 17.84 21.19
N GLU E 36 27.43 17.79 22.08
CA GLU E 36 26.04 17.61 21.64
C GLU E 36 25.66 18.71 20.66
N SER E 37 25.09 18.33 19.50
CA SER E 37 24.75 19.26 18.44
C SER E 37 23.26 19.49 18.19
N VAL E 38 22.47 18.45 18.45
CA VAL E 38 21.04 18.45 18.17
C VAL E 38 20.39 17.36 19.00
N ARG E 39 19.16 17.62 19.43
CA ARG E 39 18.44 16.64 20.22
C ARG E 39 16.95 16.63 19.94
N PHE E 40 16.32 15.52 20.29
CA PHE E 40 14.89 15.46 20.46
C PHE E 40 14.55 15.13 21.94
N ASP E 41 13.62 15.91 22.46
CA ASP E 41 13.22 15.86 23.84
C ASP E 41 11.71 15.78 23.81
N SER E 42 11.17 14.66 24.28
CA SER E 42 9.72 14.43 24.33
C SER E 42 8.91 15.54 25.06
N ASP E 43 9.51 16.19 26.07
CA ASP E 43 8.87 17.37 26.67
C ASP E 43 8.78 18.57 25.72
N VAL E 44 9.54 18.55 24.62
CA VAL E 44 9.52 19.64 23.65
C VAL E 44 8.67 19.21 22.46
N GLY E 45 8.84 17.95 22.04
CA GLY E 45 8.03 17.34 20.96
C GLY E 45 8.57 17.56 19.56
N GLU E 46 9.70 18.23 19.44
CA GLU E 46 10.39 18.37 18.16
C GLU E 46 11.91 18.46 18.35
N TYR E 47 12.65 18.32 17.25
CA TYR E 47 14.11 18.48 17.31
C TYR E 47 14.50 19.95 17.54
N ARG E 48 15.65 20.15 18.16
CA ARG E 48 16.19 21.47 18.47
C ARG E 48 17.70 21.37 18.38
N ALA E 49 18.30 22.29 17.63
CA ALA E 49 19.75 22.41 17.57
C ALA E 49 20.29 22.88 18.91
N VAL E 50 21.35 22.24 19.39
CA VAL E 50 22.02 22.76 20.58
C VAL E 50 23.28 23.62 20.28
N THR E 51 23.91 23.34 19.14
CA THR E 51 24.96 24.19 18.57
C THR E 51 24.59 24.45 17.11
N GLU E 52 25.36 25.30 16.44
CA GLU E 52 24.97 25.72 15.09
C GLU E 52 25.23 24.61 14.07
N LEU E 53 26.13 23.69 14.41
CA LEU E 53 26.41 22.49 13.61
C LEU E 53 25.20 21.57 13.51
N GLY E 54 24.35 21.60 14.53
CA GLY E 54 23.13 20.79 14.54
C GLY E 54 21.98 21.39 13.78
N ARG E 55 22.10 22.66 13.40
CA ARG E 55 20.99 23.39 12.79
C ARG E 55 20.38 22.72 11.54
N PRO E 56 21.21 22.35 10.54
CA PRO E 56 20.61 21.74 9.35
C PRO E 56 19.82 20.45 9.64
N ASP E 57 20.21 19.72 10.68
CA ASP E 57 19.59 18.46 11.03
C ASP E 57 18.21 18.64 11.68
N ALA E 58 18.15 19.54 12.66
CA ALA E 58 16.91 19.91 13.34
C ALA E 58 15.83 20.29 12.35
N GLU E 59 16.14 21.20 11.43
CA GLU E 59 15.12 21.65 10.47
C GLU E 59 14.78 20.67 9.33
N TYR E 60 15.75 19.87 8.88
CA TYR E 60 15.44 18.75 7.96
C TYR E 60 14.54 17.70 8.65
N TRP E 61 14.86 17.37 9.90
CA TRP E 61 14.13 16.37 10.66
C TRP E 61 12.74 16.83 11.11
N ASN E 62 12.59 18.12 11.44
CA ASN E 62 11.28 18.67 11.85
C ASN E 62 10.32 18.82 10.65
N SER E 63 10.85 18.69 9.44
CA SER E 63 10.07 18.84 8.22
C SER E 63 9.31 17.55 7.87
N GLN E 64 9.65 16.44 8.52
CA GLN E 64 9.01 15.14 8.26
C GLN E 64 8.02 14.80 9.37
N LYS E 65 6.73 15.01 9.08
CA LYS E 65 5.65 14.80 10.05
C LYS E 65 5.55 13.37 10.61
N ASP E 66 5.78 12.34 9.80
N ASP E 66 5.77 12.36 9.77
CA ASP E 66 5.75 10.97 10.30
CA ASP E 66 5.79 10.97 10.22
C ASP E 66 7.01 10.58 11.09
C ASP E 66 6.96 10.68 11.15
N LEU E 67 8.11 11.30 10.88
CA LEU E 67 9.28 11.14 11.73
C LEU E 67 8.94 11.65 13.14
N LEU E 68 8.44 12.88 13.20
CA LEU E 68 8.07 13.54 14.45
C LEU E 68 7.05 12.69 15.20
N GLU E 69 6.05 12.24 14.45
CA GLU E 69 4.98 11.43 15.00
C GLU E 69 5.54 10.14 15.63
N GLN E 70 6.46 9.50 14.93
CA GLN E 70 7.09 8.26 15.41
C GLN E 70 7.87 8.54 16.70
N ARG E 71 8.64 9.62 16.68
CA ARG E 71 9.44 10.03 17.81
C ARG E 71 8.59 10.30 19.06
N ARG E 72 7.52 11.08 18.90
CA ARG E 72 6.60 11.43 19.99
C ARG E 72 5.83 10.22 20.54
N ALA E 73 5.76 9.11 19.80
CA ALA E 73 5.11 7.90 20.34
C ALA E 73 6.13 6.85 20.78
N ALA E 74 7.41 7.17 20.62
CA ALA E 74 8.48 6.29 21.06
C ALA E 74 8.51 6.14 22.61
N VAL E 75 8.02 7.17 23.31
CA VAL E 75 7.80 7.15 24.75
C VAL E 75 7.07 5.87 25.14
N ASP E 76 6.25 5.34 24.23
CA ASP E 76 5.51 4.09 24.43
C ASP E 76 6.11 2.88 23.68
N THR E 77 6.24 3.01 22.36
CA THR E 77 6.70 1.92 21.49
C THR E 77 8.12 1.44 21.82
N TYR E 78 8.89 2.35 22.44
CA TYR E 78 10.29 2.18 22.68
C TYR E 78 10.65 2.13 24.19
N CYS E 79 10.46 3.24 24.90
CA CYS E 79 10.72 3.35 26.35
C CYS E 79 9.92 2.38 27.26
N ARG E 80 8.59 2.53 27.34
CA ARG E 80 7.81 1.60 28.17
C ARG E 80 8.03 0.22 27.67
N HIS E 81 8.23 0.08 26.38
CA HIS E 81 8.30 -1.26 25.82
C HIS E 81 9.51 -1.95 26.40
N ASN E 82 10.65 -1.27 26.33
CA ASN E 82 11.92 -1.82 26.81
C ASN E 82 11.95 -1.91 28.34
N TYR E 83 11.42 -0.91 29.02
CA TYR E 83 11.21 -1.03 30.45
C TYR E 83 10.57 -2.38 30.79
N GLY E 84 9.41 -2.67 30.18
CA GLY E 84 8.71 -3.93 30.40
C GLY E 84 9.52 -5.16 30.09
N VAL E 85 10.32 -5.11 29.03
CA VAL E 85 11.10 -6.26 28.58
C VAL E 85 12.10 -6.69 29.63
N GLY E 86 12.84 -5.72 30.17
CA GLY E 86 13.87 -6.01 31.17
C GLY E 86 13.52 -5.77 32.64
N GLU E 87 12.24 -5.74 32.97
CA GLU E 87 11.81 -5.43 34.33
C GLU E 87 12.28 -6.47 35.36
N SER E 88 12.10 -7.75 35.05
CA SER E 88 12.45 -8.85 35.94
C SER E 88 13.94 -8.88 36.33
N PHE E 89 14.83 -8.54 35.41
CA PHE E 89 16.27 -8.67 35.66
C PHE E 89 17.03 -7.36 35.88
N THR E 90 16.32 -6.23 35.99
CA THR E 90 16.96 -4.94 36.19
C THR E 90 16.34 -4.17 37.36
N VAL E 91 15.11 -3.75 37.17
CA VAL E 91 14.37 -2.97 38.15
C VAL E 91 14.25 -3.76 39.44
N GLN E 92 14.08 -5.08 39.29
CA GLN E 92 13.71 -5.96 40.37
C GLN E 92 14.86 -6.92 40.69
N ARG E 93 16.06 -6.56 40.22
CA ARG E 93 17.28 -7.28 40.57
C ARG E 93 17.63 -7.02 42.06
N ARG E 94 17.81 -8.12 42.79
CA ARG E 94 18.26 -8.03 44.17
C ARG E 94 19.46 -8.92 44.44
N VAL E 95 20.56 -8.28 44.83
CA VAL E 95 21.71 -8.99 45.33
C VAL E 95 22.04 -8.45 46.72
N GLU E 96 22.16 -9.39 47.65
CA GLU E 96 22.40 -9.08 49.06
C GLU E 96 23.90 -8.85 49.30
N PRO E 97 24.25 -7.73 49.98
CA PRO E 97 25.66 -7.47 50.26
C PRO E 97 26.27 -8.43 51.29
N LYS E 98 27.55 -8.75 51.14
CA LYS E 98 28.31 -9.40 52.20
C LYS E 98 28.94 -8.28 53.05
N VAL E 99 28.75 -8.34 54.37
CA VAL E 99 29.27 -7.29 55.25
C VAL E 99 30.41 -7.79 56.12
N THR E 100 31.41 -6.94 56.27
CA THR E 100 32.65 -7.28 56.94
C THR E 100 33.23 -6.05 57.66
N VAL E 101 33.72 -6.26 58.87
CA VAL E 101 34.35 -5.21 59.67
C VAL E 101 35.76 -5.62 60.08
N TYR E 102 36.70 -4.69 59.87
CA TYR E 102 38.12 -4.90 60.13
C TYR E 102 38.79 -3.53 60.39
N PRO E 103 39.89 -3.50 61.19
CA PRO E 103 40.67 -2.26 61.35
C PRO E 103 41.40 -1.87 60.07
N SER E 104 41.40 -0.59 59.75
CA SER E 104 42.11 -0.08 58.56
C SER E 104 43.59 -0.36 58.66
N LYS E 105 44.29 -0.33 57.55
CA LYS E 105 45.71 -0.71 57.57
C LYS E 105 46.63 0.48 57.29
N THR E 106 46.30 1.61 57.93
CA THR E 106 47.07 2.85 57.87
C THR E 106 46.80 3.70 59.14
N GLN E 107 46.44 4.98 58.96
CA GLN E 107 45.89 5.89 60.01
C GLN E 107 46.87 6.70 60.87
N PRO E 108 46.53 7.99 61.11
CA PRO E 108 47.21 8.87 62.07
C PRO E 108 46.49 9.02 63.45
N LEU E 109 47.22 8.89 64.56
CA LEU E 109 48.67 8.64 64.56
C LEU E 109 49.13 7.96 65.87
N GLN E 110 48.67 6.72 66.05
CA GLN E 110 48.84 5.95 67.30
C GLN E 110 47.93 6.49 68.41
N HIS E 111 47.58 5.61 69.36
CA HIS E 111 46.60 5.91 70.44
C HIS E 111 45.25 6.34 69.86
N HIS E 112 44.94 5.78 68.69
CA HIS E 112 43.73 6.05 67.91
C HIS E 112 43.47 4.87 66.99
N ASN E 113 42.20 4.71 66.59
CA ASN E 113 41.82 3.62 65.70
C ASN E 113 40.78 4.02 64.66
N LEU E 114 41.10 3.75 63.39
CA LEU E 114 40.18 3.97 62.28
C LEU E 114 39.58 2.62 61.86
N LEU E 115 38.26 2.49 62.00
CA LEU E 115 37.57 1.25 61.68
C LEU E 115 36.91 1.28 60.30
N VAL E 116 36.87 0.14 59.63
CA VAL E 116 36.37 0.03 58.25
C VAL E 116 35.18 -0.93 58.12
N CYS E 117 34.06 -0.40 57.62
CA CYS E 117 32.93 -1.25 57.19
C CYS E 117 32.78 -1.30 55.67
N SER E 118 33.04 -2.47 55.12
CA SER E 118 32.94 -2.66 53.69
C SER E 118 31.72 -3.52 53.39
N VAL E 119 30.84 -3.00 52.54
CA VAL E 119 29.69 -3.74 52.03
C VAL E 119 29.93 -4.00 50.55
N SER E 120 29.93 -5.26 50.17
CA SER E 120 30.31 -5.62 48.81
C SER E 120 29.29 -6.53 48.13
N GLY E 121 29.41 -6.61 46.80
CA GLY E 121 28.63 -7.52 45.95
C GLY E 121 27.13 -7.35 45.93
N PHE E 122 26.66 -6.11 46.10
CA PHE E 122 25.24 -5.80 46.22
C PHE E 122 24.60 -5.03 45.05
N TYR E 123 23.30 -5.30 44.82
CA TYR E 123 22.48 -4.56 43.88
C TYR E 123 21.05 -4.38 44.42
N PRO E 124 20.50 -3.14 44.37
CA PRO E 124 20.97 -1.86 43.80
C PRO E 124 21.70 -0.88 44.75
N GLY E 125 22.01 0.30 44.23
CA GLY E 125 22.90 1.26 44.88
C GLY E 125 22.39 2.06 46.07
N SER E 126 21.08 2.11 46.25
CA SER E 126 20.49 2.75 47.43
C SER E 126 20.78 1.90 48.66
N ILE E 127 21.42 2.53 49.64
CA ILE E 127 21.91 1.82 50.83
C ILE E 127 22.18 2.81 51.97
N GLU E 128 21.78 2.42 53.18
CA GLU E 128 22.11 3.16 54.38
C GLU E 128 23.05 2.31 55.21
N VAL E 129 24.22 2.87 55.50
CA VAL E 129 25.20 2.21 56.37
C VAL E 129 25.35 3.01 57.67
N ARG E 130 25.33 2.30 58.80
CA ARG E 130 25.40 2.97 60.10
C ARG E 130 26.35 2.28 61.10
N TRP E 131 27.07 3.11 61.85
CA TRP E 131 27.98 2.67 62.91
C TRP E 131 27.37 2.85 64.30
N PHE E 132 27.66 1.91 65.19
CA PHE E 132 27.21 1.93 66.58
C PHE E 132 28.39 1.66 67.52
N ARG E 133 28.45 2.40 68.64
CA ARG E 133 29.32 2.07 69.78
C ARG E 133 28.44 1.61 70.94
N ASN E 134 28.56 0.33 71.31
CA ASN E 134 27.75 -0.29 72.37
C ASN E 134 26.24 -0.03 72.24
N GLY E 135 25.70 -0.25 71.03
CA GLY E 135 24.25 -0.07 70.79
C GLY E 135 23.77 1.37 70.62
N GLN E 136 24.68 2.33 70.72
CA GLN E 136 24.38 3.73 70.47
C GLN E 136 25.11 4.19 69.22
N GLU E 137 24.36 4.78 68.29
CA GLU E 137 24.87 5.19 66.98
C GLU E 137 25.83 6.37 67.06
N GLU E 138 26.91 6.31 66.30
CA GLU E 138 27.79 7.47 66.12
C GLU E 138 27.72 8.08 64.71
N LYS E 139 27.64 9.41 64.66
CA LYS E 139 27.57 10.16 63.40
C LYS E 139 28.81 11.04 63.18
N ALA E 140 29.49 11.37 64.29
CA ALA E 140 30.74 12.13 64.24
C ALA E 140 31.88 11.25 63.76
N GLY E 141 32.84 11.87 63.10
CA GLY E 141 33.96 11.14 62.51
C GLY E 141 33.58 9.96 61.63
N VAL E 142 32.58 10.15 60.75
CA VAL E 142 32.24 9.12 59.75
C VAL E 142 32.62 9.59 58.33
N VAL E 143 33.32 8.73 57.61
CA VAL E 143 33.83 9.04 56.27
C VAL E 143 33.59 7.86 55.31
N SER E 144 33.02 8.16 54.14
CA SER E 144 32.65 7.12 53.18
C SER E 144 33.25 7.33 51.80
N THR E 145 33.50 6.22 51.11
CA THR E 145 33.98 6.24 49.72
C THR E 145 32.88 6.77 48.79
N GLY E 146 31.64 6.41 49.10
CA GLY E 146 30.52 6.60 48.19
C GLY E 146 30.35 5.29 47.43
N LEU E 147 29.25 5.15 46.70
CA LEU E 147 29.00 3.92 45.96
C LEU E 147 30.09 3.70 44.94
N ILE E 148 30.54 2.46 44.83
CA ILE E 148 31.47 2.04 43.78
C ILE E 148 30.81 0.97 42.92
N GLN E 149 30.70 1.25 41.62
CA GLN E 149 30.05 0.36 40.66
C GLN E 149 31.13 -0.50 40.03
N ASN E 150 31.05 -1.81 40.26
CA ASN E 150 32.05 -2.76 39.81
C ASN E 150 31.95 -3.13 38.33
N GLY E 151 31.05 -2.46 37.62
CA GLY E 151 30.54 -2.96 36.35
C GLY E 151 29.57 -4.04 36.77
N ASP E 152 29.85 -5.26 36.31
CA ASP E 152 29.11 -6.51 36.59
C ASP E 152 27.75 -6.56 37.36
N TRP E 153 27.06 -5.43 37.47
CA TRP E 153 25.76 -5.33 38.17
C TRP E 153 25.83 -5.57 39.72
N THR E 154 26.95 -5.21 40.32
CA THR E 154 27.13 -5.24 41.79
C THR E 154 27.86 -3.98 42.23
N PHE E 155 27.45 -3.43 43.37
CA PHE E 155 28.12 -2.29 43.97
C PHE E 155 29.01 -2.72 45.12
N GLN E 156 29.84 -1.78 45.59
CA GLN E 156 30.54 -1.88 46.86
C GLN E 156 30.77 -0.50 47.49
N THR E 157 30.80 -0.44 48.81
CA THR E 157 31.15 0.79 49.49
C THR E 157 31.84 0.50 50.82
N LEU E 158 32.78 1.37 51.17
CA LEU E 158 33.46 1.31 52.44
C LEU E 158 33.09 2.53 53.27
N VAL E 159 32.60 2.29 54.49
CA VAL E 159 32.41 3.35 55.47
C VAL E 159 33.40 3.24 56.63
N MET E 160 34.07 4.35 56.91
CA MET E 160 35.10 4.44 57.93
C MET E 160 34.62 5.25 59.13
N LEU E 161 35.14 4.89 60.31
CA LEU E 161 34.82 5.58 61.58
C LEU E 161 36.08 5.93 62.39
N GLU E 162 36.20 7.19 62.79
CA GLU E 162 37.23 7.66 63.72
C GLU E 162 36.91 7.15 65.13
N THR E 163 37.78 6.31 65.70
CA THR E 163 37.60 5.85 67.09
C THR E 163 38.78 6.23 67.99
N VAL E 164 38.44 6.75 69.16
CA VAL E 164 39.37 6.87 70.29
C VAL E 164 38.99 5.77 71.27
N PRO E 165 39.66 4.59 71.17
CA PRO E 165 39.18 3.31 71.69
C PRO E 165 39.16 3.23 73.21
N ARG E 166 38.16 2.54 73.76
CA ARG E 166 37.97 2.43 75.18
C ARG E 166 37.65 1.00 75.58
N SER E 167 37.88 0.72 76.87
CA SER E 167 37.74 -0.62 77.44
C SER E 167 36.29 -1.14 77.45
N GLY E 168 36.11 -2.38 77.01
CA GLY E 168 34.79 -3.02 76.98
C GLY E 168 33.98 -2.88 75.69
N GLU E 169 34.28 -1.86 74.89
CA GLU E 169 33.50 -1.47 73.71
C GLU E 169 33.26 -2.58 72.69
N VAL E 170 32.01 -2.66 72.22
CA VAL E 170 31.63 -3.39 70.99
C VAL E 170 31.08 -2.41 69.92
N TYR E 171 31.78 -2.32 68.79
CA TYR E 171 31.33 -1.53 67.66
C TYR E 171 30.44 -2.35 66.72
N THR E 172 29.42 -1.73 66.15
CA THR E 172 28.54 -2.41 65.19
C THR E 172 28.37 -1.61 63.88
N CYS E 173 28.50 -2.33 62.77
CA CYS E 173 28.15 -1.79 61.47
C CYS E 173 26.78 -2.32 61.02
N GLN E 174 25.84 -1.40 60.83
CA GLN E 174 24.50 -1.76 60.36
C GLN E 174 24.24 -1.33 58.92
N VAL E 175 23.70 -2.25 58.14
CA VAL E 175 23.41 -2.02 56.74
C VAL E 175 21.93 -2.28 56.49
N GLU E 176 21.22 -1.24 56.06
CA GLU E 176 19.83 -1.37 55.60
C GLU E 176 19.75 -1.27 54.05
N HIS E 177 19.09 -2.27 53.45
CA HIS E 177 19.09 -2.51 52.00
C HIS E 177 17.80 -3.25 51.55
N PRO E 178 17.29 -2.97 50.32
CA PRO E 178 16.06 -3.59 49.79
C PRO E 178 16.07 -5.11 49.60
N SER E 179 17.23 -5.74 49.42
CA SER E 179 17.28 -7.21 49.34
C SER E 179 17.10 -7.94 50.69
N VAL E 180 17.04 -7.19 51.79
CA VAL E 180 16.86 -7.78 53.12
C VAL E 180 15.72 -7.13 53.89
N THR E 181 14.88 -7.95 54.52
CA THR E 181 13.64 -7.49 55.19
C THR E 181 13.85 -6.94 56.62
N SER E 182 15.07 -7.06 57.12
CA SER E 182 15.51 -6.43 58.38
C SER E 182 17.04 -6.26 58.35
N PRO E 183 17.56 -5.25 59.08
CA PRO E 183 18.96 -4.80 58.91
C PRO E 183 20.01 -5.90 59.09
N LEU E 184 21.15 -5.70 58.44
CA LEU E 184 22.32 -6.54 58.64
C LEU E 184 23.26 -5.85 59.64
N THR E 185 23.74 -6.63 60.62
CA THR E 185 24.67 -6.14 61.65
C THR E 185 25.93 -7.00 61.72
N VAL E 186 27.09 -6.34 61.66
CA VAL E 186 28.38 -7.02 61.90
C VAL E 186 29.12 -6.40 63.10
N GLU E 187 29.56 -7.28 64.01
CA GLU E 187 30.08 -6.88 65.31
C GLU E 187 31.59 -6.96 65.37
N TRP E 188 32.21 -5.97 66.01
CA TRP E 188 33.67 -5.92 66.19
C TRP E 188 34.12 -5.47 67.57
N ARG E 189 35.30 -5.96 67.98
CA ARG E 189 35.84 -5.71 69.33
C ARG E 189 37.30 -5.28 69.33
N PRO F 1 10.37 -11.87 24.78
CA PRO F 1 10.12 -10.53 24.24
C PRO F 1 11.39 -9.90 23.68
N LYS F 2 11.24 -8.78 22.98
CA LYS F 2 12.31 -8.17 22.22
C LYS F 2 12.60 -6.76 22.66
N TYR F 3 13.88 -6.40 22.67
CA TYR F 3 14.27 -5.01 22.78
C TYR F 3 14.02 -4.30 21.44
N VAL F 4 13.38 -3.16 21.50
CA VAL F 4 13.20 -2.31 20.36
C VAL F 4 14.39 -1.37 20.34
N LYS F 5 14.91 -1.12 19.14
CA LYS F 5 15.90 -0.05 18.97
C LYS F 5 15.27 1.13 18.26
N GLN F 6 15.68 2.34 18.63
CA GLN F 6 15.40 3.54 17.85
C GLN F 6 16.38 3.58 16.69
N ASN F 7 15.86 3.91 15.51
CA ASN F 7 16.65 4.05 14.30
C ASN F 7 17.50 5.31 14.34
N THR F 8 18.77 5.15 14.03
CA THR F 8 19.56 6.35 13.75
C THR F 8 19.13 6.95 12.42
N LEU F 9 19.12 8.27 12.37
CA LEU F 9 18.66 9.00 11.20
C LEU F 9 19.82 9.57 10.42
N LYS F 10 19.64 9.62 9.10
CA LYS F 10 20.58 10.27 8.19
C LYS F 10 20.57 11.77 8.43
N LEU F 11 21.76 12.35 8.56
CA LEU F 11 21.89 13.81 8.70
C LEU F 11 21.58 14.50 7.38
N ALA F 12 21.14 15.75 7.53
CA ALA F 12 20.93 16.67 6.43
C ALA F 12 22.18 16.80 5.57
N THR F 13 22.01 16.75 4.24
CA THR F 13 23.16 16.81 3.32
C THR F 13 23.27 18.11 2.54
C1 GOL G . -34.79 14.15 -39.26
O1 GOL G . -33.95 14.67 -40.29
C2 GOL G . -35.40 15.20 -38.33
O2 GOL G . -34.97 14.99 -37.01
C3 GOL G . -36.93 15.15 -38.34
O3 GOL G . -37.50 16.44 -38.58
C1 GOL H . -36.07 16.91 -41.24
O1 GOL H . -37.32 17.06 -41.88
C2 GOL H . -35.07 18.06 -41.44
O2 GOL H . -33.78 17.56 -41.14
C3 GOL H . -35.37 19.18 -40.43
O3 GOL H . -34.34 20.12 -40.45
C1 GOL I . -14.80 -4.65 -40.31
O1 GOL I . -13.51 -4.25 -40.74
C2 GOL I . -15.15 -6.05 -40.81
O2 GOL I . -16.13 -6.62 -39.96
C3 GOL I . -15.72 -6.00 -42.23
O3 GOL I . -16.31 -7.23 -42.61
C1 GOL J . -3.35 10.03 -9.58
O1 GOL J . -3.77 11.38 -9.51
C2 GOL J . -2.24 9.77 -8.57
O2 GOL J . -2.74 9.07 -7.45
C3 GOL J . -1.09 8.97 -9.19
O3 GOL J . -1.48 7.64 -9.47
NA NA K . -16.62 -4.42 3.90
#